data_2MYQ
#
_entry.id   2MYQ
#
_entity_poly.entity_id   1
_entity_poly.type   'polypeptide(L)'
_entity_poly.pdbx_seq_one_letter_code
;(ACE)SKLLLNGFDDVHFLGSNVMEEQDLRDIGISDPQHRRKLLQAAR(NH2)
;
_entity_poly.pdbx_strand_id   A
#
loop_
_chem_comp.id
_chem_comp.type
_chem_comp.name
_chem_comp.formula
ACE non-polymer 'ACETYL GROUP' 'C2 H4 O'
NH2 non-polymer 'AMINO GROUP' 'H2 N'
#
# COMPACT_ATOMS: atom_id res chain seq x y z
C ACE A 1 -16.62 -20.74 25.69
O ACE A 1 -17.85 -20.80 25.54
CH3 ACE A 1 -15.89 -21.63 26.64
H1 ACE A 1 -16.20 -21.40 27.65
H2 ACE A 1 -16.14 -22.67 26.41
H3 ACE A 1 -14.82 -21.48 26.53
N SER A 2 -15.86 -19.89 25.01
CA SER A 2 -16.42 -18.95 24.06
C SER A 2 -15.50 -18.80 22.84
N LYS A 3 -16.09 -18.46 21.69
CA LYS A 3 -15.32 -18.28 20.47
C LYS A 3 -14.29 -17.17 20.63
N LEU A 4 -14.74 -16.00 21.04
CA LEU A 4 -13.86 -14.85 21.24
C LEU A 4 -12.99 -14.63 20.01
N LEU A 5 -13.57 -14.82 18.83
CA LEU A 5 -12.85 -14.63 17.58
C LEU A 5 -12.81 -13.16 17.18
N LEU A 6 -13.84 -12.42 17.55
CA LEU A 6 -13.92 -11.00 17.24
C LEU A 6 -12.78 -10.24 17.90
N ASN A 7 -12.47 -10.59 19.14
CA ASN A 7 -11.40 -9.94 19.89
C ASN A 7 -10.07 -10.05 19.12
N GLY A 8 -9.95 -11.08 18.30
CA GLY A 8 -8.73 -11.28 17.53
C GLY A 8 -8.81 -10.65 16.16
N PHE A 9 -9.98 -10.74 15.54
CA PHE A 9 -10.19 -10.19 14.21
C PHE A 9 -10.10 -8.67 14.24
N ASP A 10 -10.42 -8.08 15.39
CA ASP A 10 -10.38 -6.63 15.56
C ASP A 10 -9.03 -6.08 15.11
N ASP A 11 -7.96 -6.61 15.67
CA ASP A 11 -6.61 -6.17 15.32
C ASP A 11 -6.36 -6.28 13.82
N VAL A 12 -7.08 -7.20 13.17
CA VAL A 12 -6.94 -7.41 11.74
C VAL A 12 -7.76 -6.38 10.95
N HIS A 13 -8.98 -6.12 11.42
CA HIS A 13 -9.86 -5.16 10.77
C HIS A 13 -9.18 -3.80 10.63
N PHE A 14 -8.24 -3.53 11.53
CA PHE A 14 -7.52 -2.26 11.51
C PHE A 14 -6.30 -2.34 10.60
N LEU A 15 -5.60 -3.47 10.65
CA LEU A 15 -4.41 -3.67 9.82
C LEU A 15 -4.71 -3.38 8.36
N GLY A 16 -5.91 -3.76 7.92
CA GLY A 16 -6.31 -3.52 6.54
C GLY A 16 -6.10 -2.08 6.12
N SER A 17 -6.86 -1.18 6.73
CA SER A 17 -6.77 0.24 6.40
C SER A 17 -5.32 0.72 6.48
N ASN A 18 -4.55 0.11 7.37
CA ASN A 18 -3.15 0.47 7.53
C ASN A 18 -2.33 0.06 6.31
N VAL A 19 -2.44 -1.20 5.93
CA VAL A 19 -1.71 -1.72 4.78
C VAL A 19 -1.99 -0.89 3.54
N MET A 20 -3.16 -0.27 3.50
CA MET A 20 -3.55 0.56 2.35
C MET A 20 -2.96 1.96 2.48
N GLU A 21 -2.91 2.48 3.70
CA GLU A 21 -2.38 3.81 3.95
C GLU A 21 -0.86 3.84 3.72
N GLU A 22 -0.22 2.70 3.97
CA GLU A 22 1.22 2.60 3.80
C GLU A 22 1.59 2.41 2.33
N GLN A 23 0.73 1.70 1.60
CA GLN A 23 0.96 1.44 0.18
C GLN A 23 0.47 2.61 -0.66
N ASP A 24 -0.47 3.38 -0.10
CA ASP A 24 -1.03 4.53 -0.82
C ASP A 24 -0.07 5.73 -0.74
N LEU A 25 0.73 5.76 0.31
CA LEU A 25 1.69 6.85 0.50
C LEU A 25 2.98 6.58 -0.28
N ARG A 26 3.28 5.31 -0.50
CA ARG A 26 4.47 4.92 -1.23
C ARG A 26 4.19 4.79 -2.73
N ASP A 27 2.95 4.48 -3.06
CA ASP A 27 2.54 4.32 -4.44
C ASP A 27 2.67 5.65 -5.21
N ILE A 28 2.39 6.74 -4.53
CA ILE A 28 2.49 8.07 -5.13
C ILE A 28 3.88 8.31 -5.69
N GLY A 29 4.87 7.64 -5.11
CA GLY A 29 6.24 7.80 -5.57
C GLY A 29 6.60 6.83 -6.69
N ILE A 30 5.87 5.73 -6.76
CA ILE A 30 6.12 4.72 -7.79
C ILE A 30 5.21 4.93 -9.00
N SER A 31 4.24 5.83 -8.85
CA SER A 31 3.30 6.12 -9.92
C SER A 31 3.52 7.54 -10.47
N ASP A 32 4.48 8.25 -9.88
CA ASP A 32 4.79 9.61 -10.31
C ASP A 32 4.98 9.68 -11.82
N PRO A 33 4.78 10.87 -12.39
CA PRO A 33 4.93 11.10 -13.83
C PRO A 33 6.38 11.02 -14.28
N GLN A 34 7.27 11.68 -13.54
CA GLN A 34 8.68 11.69 -13.87
C GLN A 34 9.22 10.26 -14.01
N HIS A 35 8.58 9.33 -13.32
CA HIS A 35 8.98 7.93 -13.37
C HIS A 35 9.08 7.45 -14.82
N ARG A 36 8.19 7.94 -15.67
CA ARG A 36 8.18 7.56 -17.08
C ARG A 36 9.45 8.04 -17.78
N ARG A 37 9.88 9.25 -17.43
CA ARG A 37 11.08 9.83 -18.03
C ARG A 37 12.34 9.12 -17.53
N LYS A 38 12.29 8.63 -16.29
CA LYS A 38 13.42 7.93 -15.69
C LYS A 38 13.43 6.47 -16.10
N LEU A 39 12.26 5.97 -16.49
CA LEU A 39 12.14 4.57 -16.91
C LEU A 39 12.40 4.42 -18.41
N LEU A 40 12.22 5.52 -19.15
CA LEU A 40 12.44 5.51 -20.59
C LEU A 40 13.93 5.42 -20.91
N GLN A 41 14.72 6.28 -20.27
CA GLN A 41 16.16 6.29 -20.49
C GLN A 41 16.82 5.04 -19.93
N ALA A 42 16.15 4.42 -18.95
CA ALA A 42 16.67 3.21 -18.33
C ALA A 42 16.24 1.97 -19.10
N ALA A 43 15.09 2.06 -19.76
CA ALA A 43 14.58 0.94 -20.55
C ALA A 43 15.14 0.96 -21.97
N ARG A 44 15.57 2.14 -22.42
CA ARG A 44 16.13 2.29 -23.75
C ARG A 44 17.48 1.58 -23.85
N NH2 A 45 18.24 1.60 -22.77
HN1 NH2 A 45 17.92 2.06 -21.94
HN2 NH2 A 45 19.13 1.15 -22.77
C ACE A 1 -15.61 -21.06 17.21
O ACE A 1 -15.28 -19.98 16.71
CH3 ACE A 1 -16.60 -21.96 16.56
H1 ACE A 1 -16.10 -22.57 15.80
H2 ACE A 1 -17.05 -22.61 17.31
H3 ACE A 1 -17.38 -21.36 16.08
N SER A 2 -15.12 -21.50 18.36
CA SER A 2 -14.15 -20.73 19.13
C SER A 2 -14.72 -19.38 19.53
N LYS A 3 -14.00 -18.66 20.39
CA LYS A 3 -14.43 -17.35 20.85
C LYS A 3 -13.40 -16.29 20.51
N LEU A 4 -12.40 -16.67 19.72
CA LEU A 4 -11.35 -15.74 19.31
C LEU A 4 -11.59 -15.22 17.90
N LEU A 5 -12.87 -15.19 17.50
CA LEU A 5 -13.24 -14.71 16.18
C LEU A 5 -13.71 -13.27 16.23
N LEU A 6 -13.23 -12.53 17.25
CA LEU A 6 -13.61 -11.13 17.42
C LEU A 6 -12.46 -10.34 18.02
N ASN A 7 -11.97 -10.79 19.17
CA ASN A 7 -10.86 -10.12 19.85
C ASN A 7 -9.57 -10.26 19.05
N GLY A 8 -9.46 -11.34 18.28
CA GLY A 8 -8.28 -11.57 17.49
C GLY A 8 -8.40 -11.00 16.09
N PHE A 9 -9.62 -10.88 15.61
CA PHE A 9 -9.87 -10.34 14.27
C PHE A 9 -9.87 -8.83 14.28
N ASP A 10 -10.20 -8.24 15.43
CA ASP A 10 -10.24 -6.79 15.58
C ASP A 10 -8.93 -6.17 15.11
N ASP A 11 -7.82 -6.71 15.59
CA ASP A 11 -6.50 -6.21 15.22
C ASP A 11 -6.28 -6.32 13.72
N VAL A 12 -6.96 -7.26 13.09
CA VAL A 12 -6.84 -7.47 11.65
C VAL A 12 -7.71 -6.49 10.87
N HIS A 13 -8.94 -6.28 11.36
CA HIS A 13 -9.87 -5.37 10.72
C HIS A 13 -9.25 -3.98 10.57
N PHE A 14 -8.31 -3.66 11.46
CA PHE A 14 -7.65 -2.36 11.42
C PHE A 14 -6.45 -2.38 10.48
N LEU A 15 -5.82 -3.55 10.35
CA LEU A 15 -4.67 -3.71 9.48
C LEU A 15 -4.99 -3.26 8.06
N GLY A 16 -6.21 -3.54 7.62
CA GLY A 16 -6.63 -3.14 6.29
C GLY A 16 -6.38 -1.68 6.00
N SER A 17 -7.07 -0.82 6.73
CA SER A 17 -6.93 0.63 6.55
C SER A 17 -5.45 1.04 6.61
N ASN A 18 -4.67 0.29 7.39
CA ASN A 18 -3.25 0.57 7.54
C ASN A 18 -2.49 0.24 6.26
N VAL A 19 -2.69 -0.98 5.75
CA VAL A 19 -2.03 -1.42 4.53
C VAL A 19 -2.33 -0.48 3.38
N MET A 20 -3.47 0.20 3.45
CA MET A 20 -3.87 1.13 2.41
C MET A 20 -3.25 2.50 2.63
N GLU A 21 -3.17 2.91 3.88
CA GLU A 21 -2.59 4.21 4.23
C GLU A 21 -1.08 4.20 4.01
N GLU A 22 -0.48 3.03 4.11
CA GLU A 22 0.97 2.89 3.92
C GLU A 22 1.32 2.82 2.45
N GLN A 23 0.43 2.22 1.65
CA GLN A 23 0.64 2.09 0.22
C GLN A 23 0.16 3.34 -0.52
N ASP A 24 -0.77 4.05 0.10
CA ASP A 24 -1.32 5.26 -0.52
C ASP A 24 -0.35 6.43 -0.37
N LEU A 25 0.44 6.41 0.71
CA LEU A 25 1.40 7.47 0.96
C LEU A 25 2.64 7.30 0.08
N ARG A 26 2.86 6.07 -0.39
CA ARG A 26 4.00 5.77 -1.24
C ARG A 26 3.60 5.78 -2.71
N ASP A 27 2.36 5.39 -2.98
CA ASP A 27 1.85 5.35 -4.35
C ASP A 27 2.05 6.69 -5.04
N ILE A 28 1.88 7.77 -4.29
CA ILE A 28 2.05 9.11 -4.84
C ILE A 28 3.42 9.28 -5.48
N GLY A 29 4.38 8.48 -5.01
CA GLY A 29 5.73 8.56 -5.55
C GLY A 29 6.01 7.47 -6.57
N ILE A 30 5.16 6.43 -6.57
CA ILE A 30 5.32 5.31 -7.50
C ILE A 30 4.49 5.53 -8.76
N SER A 31 3.55 6.46 -8.70
CA SER A 31 2.69 6.76 -9.83
C SER A 31 3.04 8.11 -10.44
N ASP A 32 4.04 8.77 -9.86
CA ASP A 32 4.48 10.08 -10.35
C ASP A 32 4.73 10.04 -11.85
N PRO A 33 4.65 11.21 -12.49
CA PRO A 33 4.87 11.34 -13.94
C PRO A 33 6.32 11.13 -14.33
N GLN A 34 7.23 11.77 -13.58
CA GLN A 34 8.66 11.64 -13.85
C GLN A 34 9.08 10.18 -13.90
N HIS A 35 8.34 9.34 -13.19
CA HIS A 35 8.64 7.91 -13.15
C HIS A 35 8.77 7.34 -14.57
N ARG A 36 7.90 7.80 -15.45
CA ARG A 36 7.91 7.33 -16.84
C ARG A 36 9.20 7.74 -17.54
N ARG A 37 9.69 8.94 -17.21
CA ARG A 37 10.93 9.45 -17.81
C ARG A 37 12.14 8.73 -17.25
N LYS A 38 12.05 8.32 -15.99
CA LYS A 38 13.15 7.62 -15.32
C LYS A 38 13.12 6.12 -15.67
N LEU A 39 11.95 5.64 -16.06
CA LEU A 39 11.79 4.24 -16.41
C LEU A 39 12.06 4.01 -17.89
N LEU A 40 11.94 5.07 -18.68
CA LEU A 40 12.18 4.99 -20.12
C LEU A 40 13.67 4.86 -20.41
N GLN A 41 14.48 5.71 -19.78
CA GLN A 41 15.92 5.69 -19.97
C GLN A 41 16.54 4.44 -19.35
N ALA A 42 15.84 3.88 -18.35
CA ALA A 42 16.32 2.68 -17.68
C ALA A 42 15.87 1.41 -18.41
N ALA A 43 14.73 1.51 -19.08
CA ALA A 43 14.20 0.37 -19.83
C ALA A 43 14.79 0.32 -21.24
N ARG A 44 15.27 1.45 -21.73
CA ARG A 44 15.86 1.52 -23.06
C ARG A 44 17.18 0.77 -23.10
N NH2 A 45 17.92 0.82 -22.00
HN1 NH2 A 45 17.60 1.33 -21.20
HN2 NH2 A 45 18.80 0.34 -21.96
C ACE A 1 -16.37 -19.02 16.23
O ACE A 1 -17.57 -18.79 16.17
CH3 ACE A 1 -15.59 -19.52 15.05
H1 ACE A 1 -16.18 -20.27 14.53
H2 ACE A 1 -15.38 -18.68 14.38
H3 ACE A 1 -14.66 -19.95 15.40
N SER A 2 -15.65 -18.84 17.33
CA SER A 2 -16.26 -18.36 18.57
C SER A 2 -15.96 -16.89 18.79
N LYS A 3 -16.45 -16.35 19.90
CA LYS A 3 -16.23 -14.94 20.23
C LYS A 3 -14.74 -14.64 20.32
N LEU A 4 -13.96 -15.62 20.73
CA LEU A 4 -12.51 -15.45 20.85
C LEU A 4 -11.90 -15.04 19.52
N LEU A 5 -12.49 -15.52 18.43
CA LEU A 5 -11.99 -15.20 17.09
C LEU A 5 -12.30 -13.76 16.73
N LEU A 6 -13.41 -13.24 17.25
CA LEU A 6 -13.82 -11.87 16.98
C LEU A 6 -12.78 -10.88 17.49
N ASN A 7 -12.26 -11.14 18.69
CA ASN A 7 -11.25 -10.28 19.29
C ASN A 7 -9.97 -10.29 18.47
N GLY A 8 -9.74 -11.38 17.75
CA GLY A 8 -8.55 -11.50 16.93
C GLY A 8 -8.70 -10.81 15.59
N PHE A 9 -9.87 -10.95 14.98
CA PHE A 9 -10.14 -10.33 13.69
C PHE A 9 -10.03 -8.82 13.77
N ASP A 10 -10.28 -8.28 14.96
CA ASP A 10 -10.22 -6.84 15.17
C ASP A 10 -8.89 -6.27 14.68
N ASP A 11 -7.79 -6.91 15.10
CA ASP A 11 -6.46 -6.47 14.71
C ASP A 11 -6.29 -6.52 13.19
N VAL A 12 -7.07 -7.40 12.55
CA VAL A 12 -7.00 -7.55 11.10
C VAL A 12 -7.83 -6.47 10.40
N HIS A 13 -9.01 -6.20 10.94
CA HIS A 13 -9.90 -5.19 10.37
C HIS A 13 -9.19 -3.84 10.27
N PHE A 14 -8.20 -3.63 11.13
CA PHE A 14 -7.44 -2.38 11.14
C PHE A 14 -6.26 -2.46 10.18
N LEU A 15 -5.73 -3.67 10.00
CA LEU A 15 -4.60 -3.88 9.11
C LEU A 15 -4.91 -3.37 7.70
N GLY A 16 -6.13 -3.61 7.25
CA GLY A 16 -6.53 -3.18 5.92
C GLY A 16 -6.26 -1.70 5.69
N SER A 17 -6.96 -0.85 6.44
CA SER A 17 -6.79 0.59 6.31
C SER A 17 -5.33 0.98 6.40
N ASN A 18 -4.56 0.21 7.19
CA ASN A 18 -3.14 0.47 7.37
C ASN A 18 -2.37 0.19 6.08
N VAL A 19 -2.56 -1.01 5.53
CA VAL A 19 -1.88 -1.41 4.30
C VAL A 19 -2.13 -0.40 3.18
N MET A 20 -3.27 0.28 3.26
CA MET A 20 -3.63 1.28 2.26
C MET A 20 -2.96 2.62 2.55
N GLU A 21 -2.87 2.97 3.82
CA GLU A 21 -2.24 4.22 4.24
C GLU A 21 -0.74 4.18 3.98
N GLU A 22 -0.15 2.99 4.08
CA GLU A 22 1.28 2.84 3.86
C GLU A 22 1.61 2.84 2.37
N GLN A 23 0.70 2.28 1.57
CA GLN A 23 0.90 2.22 0.13
C GLN A 23 0.48 3.53 -0.53
N ASP A 24 -0.44 4.24 0.11
CA ASP A 24 -0.91 5.51 -0.42
C ASP A 24 0.09 6.63 -0.15
N LEU A 25 0.85 6.49 0.92
CA LEU A 25 1.85 7.49 1.28
C LEU A 25 3.13 7.30 0.47
N ARG A 26 3.31 6.10 -0.07
CA ARG A 26 4.48 5.79 -0.87
C ARG A 26 4.16 5.89 -2.37
N ASP A 27 2.93 5.56 -2.72
CA ASP A 27 2.51 5.62 -4.12
C ASP A 27 2.69 7.02 -4.69
N ILE A 28 2.59 8.02 -3.82
CA ILE A 28 2.74 9.41 -4.24
C ILE A 28 4.07 9.63 -4.96
N GLY A 29 5.04 8.78 -4.64
CA GLY A 29 6.35 8.89 -5.26
C GLY A 29 6.67 7.70 -6.14
N ILE A 30 5.69 6.83 -6.35
CA ILE A 30 5.87 5.65 -7.18
C ILE A 30 4.97 5.69 -8.41
N SER A 31 3.94 6.54 -8.36
CA SER A 31 3.00 6.67 -9.46
C SER A 31 3.19 8.00 -10.18
N ASP A 32 4.15 8.79 -9.70
CA ASP A 32 4.45 10.08 -10.30
C ASP A 32 4.63 9.96 -11.81
N PRO A 33 4.40 11.07 -12.53
CA PRO A 33 4.53 11.11 -13.99
C PRO A 33 5.97 11.00 -14.45
N GLN A 34 6.84 11.77 -13.81
CA GLN A 34 8.27 11.76 -14.16
C GLN A 34 8.82 10.34 -14.13
N HIS A 35 8.21 9.48 -13.31
CA HIS A 35 8.65 8.09 -13.20
C HIS A 35 8.75 7.43 -14.58
N ARG A 36 7.73 7.66 -15.41
CA ARG A 36 7.71 7.08 -16.75
C ARG A 36 8.89 7.60 -17.58
N ARG A 37 9.32 8.82 -17.28
CA ARG A 37 10.43 9.42 -18.00
C ARG A 37 11.77 8.87 -17.50
N LYS A 38 11.82 8.55 -16.21
CA LYS A 38 13.04 8.02 -15.61
C LYS A 38 13.15 6.52 -15.85
N LEU A 39 12.02 5.88 -16.12
CA LEU A 39 11.98 4.44 -16.38
C LEU A 39 12.17 4.15 -17.86
N LEU A 40 11.87 5.14 -18.70
CA LEU A 40 12.00 4.99 -20.14
C LEU A 40 13.47 5.01 -20.56
N GLN A 41 14.22 5.99 -20.05
CA GLN A 41 15.63 6.12 -20.36
C GLN A 41 16.44 4.99 -19.73
N ALA A 42 15.90 4.42 -18.64
CA ALA A 42 16.56 3.33 -17.94
C ALA A 42 16.21 1.97 -18.57
N ALA A 43 15.01 1.90 -19.14
CA ALA A 43 14.55 0.67 -19.77
C ALA A 43 15.03 0.57 -21.21
N ARG A 44 15.33 1.72 -21.81
CA ARG A 44 15.81 1.76 -23.19
C ARG A 44 17.20 1.15 -23.30
N NH2 A 45 18.01 1.35 -22.28
HN1 NH2 A 45 17.70 1.88 -21.49
HN2 NH2 A 45 18.94 0.98 -22.30
C ACE A 1 -15.09 -19.41 16.80
O ACE A 1 -14.52 -20.50 16.74
CH3 ACE A 1 -16.14 -19.00 15.82
H1 ACE A 1 -16.69 -19.88 15.49
H2 ACE A 1 -16.83 -18.31 16.31
H3 ACE A 1 -15.68 -18.51 14.97
N SER A 2 -14.81 -18.50 17.73
CA SER A 2 -13.80 -18.75 18.75
C SER A 2 -14.00 -17.84 19.96
N LYS A 3 -13.25 -18.09 21.02
CA LYS A 3 -13.36 -17.28 22.24
C LYS A 3 -13.18 -15.80 21.93
N LEU A 4 -12.30 -15.51 20.97
CA LEU A 4 -12.04 -14.12 20.57
C LEU A 4 -12.60 -13.84 19.18
N LEU A 5 -13.82 -14.31 18.94
CA LEU A 5 -14.47 -14.10 17.65
C LEU A 5 -14.54 -12.61 17.29
N LEU A 6 -14.56 -11.77 18.33
CA LEU A 6 -14.64 -10.33 18.14
C LEU A 6 -13.35 -9.66 18.60
N ASN A 7 -12.95 -9.95 19.84
CA ASN A 7 -11.73 -9.38 20.40
C ASN A 7 -10.53 -9.65 19.50
N GLY A 8 -10.60 -10.73 18.74
CA GLY A 8 -9.51 -11.08 17.85
C GLY A 8 -9.66 -10.45 16.48
N PHE A 9 -10.83 -10.63 15.87
CA PHE A 9 -11.10 -10.08 14.55
C PHE A 9 -10.87 -8.57 14.54
N ASP A 10 -11.02 -7.94 15.70
CA ASP A 10 -10.84 -6.51 15.82
C ASP A 10 -9.50 -6.08 15.24
N ASP A 11 -8.43 -6.73 15.70
CA ASP A 11 -7.08 -6.41 15.22
C ASP A 11 -7.00 -6.56 13.71
N VAL A 12 -7.82 -7.45 13.16
CA VAL A 12 -7.84 -7.69 11.72
C VAL A 12 -8.60 -6.60 10.99
N HIS A 13 -9.74 -6.20 11.56
CA HIS A 13 -10.57 -5.16 10.96
C HIS A 13 -9.77 -3.87 10.75
N PHE A 14 -8.73 -3.70 11.56
CA PHE A 14 -7.88 -2.51 11.46
C PHE A 14 -6.78 -2.71 10.43
N LEU A 15 -6.26 -3.93 10.35
CA LEU A 15 -5.20 -4.26 9.40
C LEU A 15 -5.59 -3.83 7.98
N GLY A 16 -6.86 -4.02 7.64
CA GLY A 16 -7.33 -3.66 6.32
C GLY A 16 -6.99 -2.22 5.96
N SER A 17 -7.58 -1.27 6.69
CA SER A 17 -7.34 0.14 6.44
C SER A 17 -5.84 0.44 6.42
N ASN A 18 -5.08 -0.31 7.20
CA ASN A 18 -3.63 -0.13 7.26
C ASN A 18 -2.96 -0.55 5.95
N VAL A 19 -3.27 -1.76 5.51
CA VAL A 19 -2.70 -2.28 4.27
C VAL A 19 -2.97 -1.33 3.10
N MET A 20 -4.04 -0.57 3.20
CA MET A 20 -4.42 0.38 2.16
C MET A 20 -3.63 1.69 2.31
N GLU A 21 -3.43 2.10 3.56
CA GLU A 21 -2.70 3.33 3.85
C GLU A 21 -1.22 3.19 3.49
N GLU A 22 -0.71 1.96 3.62
CA GLU A 22 0.69 1.68 3.30
C GLU A 22 0.91 1.58 1.80
N GLN A 23 -0.09 1.02 1.11
CA GLN A 23 0.00 0.85 -0.34
C GLN A 23 -0.41 2.13 -1.06
N ASP A 24 -1.19 2.97 -0.38
CA ASP A 24 -1.64 4.23 -0.96
C ASP A 24 -0.54 5.29 -0.88
N LEU A 25 0.35 5.14 0.10
CA LEU A 25 1.45 6.08 0.28
C LEU A 25 2.63 5.71 -0.62
N ARG A 26 2.76 4.43 -0.93
CA ARG A 26 3.85 3.95 -1.77
C ARG A 26 3.46 4.00 -3.24
N ASP A 27 2.17 3.85 -3.51
CA ASP A 27 1.66 3.88 -4.88
C ASP A 27 2.01 5.21 -5.55
N ILE A 28 1.80 6.31 -4.83
CA ILE A 28 2.09 7.64 -5.35
C ILE A 28 3.54 7.74 -5.81
N GLY A 29 4.41 6.92 -5.22
CA GLY A 29 5.81 6.94 -5.58
C GLY A 29 6.11 6.08 -6.79
N ILE A 30 5.26 5.09 -7.04
CA ILE A 30 5.43 4.18 -8.16
C ILE A 30 4.62 4.65 -9.36
N SER A 31 3.70 5.58 -9.12
CA SER A 31 2.84 6.10 -10.19
C SER A 31 3.22 7.54 -10.52
N ASP A 32 4.21 8.06 -9.82
CA ASP A 32 4.67 9.44 -10.04
C ASP A 32 4.93 9.69 -11.52
N PRO A 33 4.85 10.97 -11.92
CA PRO A 33 5.09 11.37 -13.31
C PRO A 33 6.55 11.22 -13.72
N GLN A 34 7.45 11.69 -12.87
CA GLN A 34 8.87 11.61 -13.16
C GLN A 34 9.29 10.17 -13.49
N HIS A 35 8.54 9.21 -12.95
CA HIS A 35 8.82 7.80 -13.19
C HIS A 35 8.94 7.52 -14.68
N ARG A 36 8.17 8.24 -15.48
CA ARG A 36 8.19 8.06 -16.93
C ARG A 36 9.55 8.47 -17.52
N ARG A 37 10.10 9.56 -16.99
CA ARG A 37 11.40 10.06 -17.46
C ARG A 37 12.51 9.12 -17.02
N LYS A 38 12.35 8.51 -15.86
CA LYS A 38 13.35 7.59 -15.33
C LYS A 38 13.20 6.20 -15.94
N LEU A 39 12.01 5.91 -16.45
CA LEU A 39 11.74 4.61 -17.07
C LEU A 39 12.06 4.65 -18.56
N LEU A 40 12.06 5.85 -19.13
CA LEU A 40 12.35 6.02 -20.55
C LEU A 40 13.85 5.91 -20.81
N GLN A 41 14.65 6.47 -19.92
CA GLN A 41 16.10 6.42 -20.06
C GLN A 41 16.63 5.03 -19.73
N ALA A 42 15.89 4.29 -18.93
CA ALA A 42 16.28 2.95 -18.54
C ALA A 42 15.80 1.92 -19.56
N ALA A 43 14.64 2.17 -20.15
CA ALA A 43 14.08 1.27 -21.16
C ALA A 43 14.71 1.50 -22.52
N ARG A 44 15.26 2.69 -22.72
CA ARG A 44 15.90 3.04 -23.99
C ARG A 44 17.28 2.40 -24.09
N NH2 A 45 17.90 2.14 -22.94
HN1 NH2 A 45 17.45 2.35 -22.08
HN2 NH2 A 45 18.80 1.72 -22.95
C ACE A 1 -16.88 -19.61 15.85
O ACE A 1 -17.47 -20.05 16.85
CH3 ACE A 1 -17.49 -19.67 14.49
H1 ACE A 1 -16.87 -19.11 13.79
H2 ACE A 1 -17.58 -20.70 14.17
H3 ACE A 1 -18.49 -19.20 14.52
N SER A 2 -15.67 -19.07 15.90
CA SER A 2 -14.94 -18.96 17.16
C SER A 2 -14.95 -17.51 17.66
N LYS A 3 -14.25 -17.27 18.76
CA LYS A 3 -14.19 -15.94 19.35
C LYS A 3 -13.15 -15.08 18.63
N LEU A 4 -12.06 -15.72 18.21
CA LEU A 4 -10.99 -15.01 17.50
C LEU A 4 -11.46 -14.55 16.13
N LEU A 5 -12.42 -15.27 15.56
CA LEU A 5 -12.95 -14.93 14.24
C LEU A 5 -13.52 -13.51 14.23
N LEU A 6 -13.93 -13.04 15.40
CA LEU A 6 -14.49 -11.70 15.53
C LEU A 6 -13.63 -10.85 16.46
N ASN A 7 -13.59 -11.23 17.73
CA ASN A 7 -12.80 -10.50 18.72
C ASN A 7 -11.33 -10.42 18.31
N GLY A 8 -10.89 -11.42 17.55
CA GLY A 8 -9.51 -11.43 17.10
C GLY A 8 -9.31 -10.68 15.80
N PHE A 9 -10.34 -10.67 14.96
CA PHE A 9 -10.26 -9.98 13.68
C PHE A 9 -10.22 -8.47 13.88
N ASP A 10 -10.77 -8.01 14.99
CA ASP A 10 -10.79 -6.58 15.30
C ASP A 10 -9.39 -5.99 15.20
N ASP A 11 -8.44 -6.60 15.91
CA ASP A 11 -7.06 -6.13 15.91
C ASP A 11 -6.50 -6.09 14.48
N VAL A 12 -7.06 -6.93 13.61
CA VAL A 12 -6.62 -6.99 12.23
C VAL A 12 -7.28 -5.89 11.39
N HIS A 13 -8.56 -5.65 11.64
CA HIS A 13 -9.31 -4.64 10.92
C HIS A 13 -8.62 -3.28 11.04
N PHE A 14 -7.86 -3.09 12.11
CA PHE A 14 -7.15 -1.84 12.33
C PHE A 14 -5.86 -1.79 11.53
N LEU A 15 -5.12 -2.89 11.54
CA LEU A 15 -3.86 -2.97 10.81
C LEU A 15 -4.08 -2.70 9.33
N GLY A 16 -5.23 -3.13 8.80
CA GLY A 16 -5.54 -2.93 7.40
C GLY A 16 -5.41 -1.47 7.00
N SER A 17 -6.16 -0.60 7.67
CA SER A 17 -6.13 0.82 7.36
C SER A 17 -4.72 1.38 7.47
N ASN A 18 -3.93 0.81 8.38
CA ASN A 18 -2.55 1.24 8.58
C ASN A 18 -1.67 0.83 7.40
N VAL A 19 -1.73 -0.44 7.03
CA VAL A 19 -0.94 -0.95 5.92
C VAL A 19 -1.27 -0.22 4.62
N MET A 20 -2.47 0.36 4.56
CA MET A 20 -2.91 1.09 3.38
C MET A 20 -2.46 2.55 3.46
N GLU A 21 -2.49 3.11 4.66
CA GLU A 21 -2.09 4.50 4.86
C GLU A 21 -0.58 4.66 4.72
N GLU A 22 0.15 3.59 5.01
CA GLU A 22 1.61 3.61 4.92
C GLU A 22 2.06 3.40 3.48
N GLN A 23 1.30 2.59 2.74
CA GLN A 23 1.63 2.30 1.35
C GLN A 23 1.06 3.37 0.42
N ASP A 24 0.04 4.08 0.90
CA ASP A 24 -0.59 5.14 0.11
C ASP A 24 0.25 6.40 0.14
N LEU A 25 1.00 6.59 1.21
CA LEU A 25 1.84 7.77 1.36
C LEU A 25 3.17 7.59 0.62
N ARG A 26 3.56 6.33 0.44
CA ARG A 26 4.81 6.03 -0.26
C ARG A 26 4.56 5.76 -1.74
N ASP A 27 3.34 5.33 -2.06
CA ASP A 27 2.97 5.04 -3.44
C ASP A 27 2.93 6.33 -4.26
N ILE A 28 2.63 7.44 -3.60
CA ILE A 28 2.56 8.73 -4.29
C ILE A 28 3.86 9.04 -5.01
N GLY A 29 4.95 8.47 -4.52
CA GLY A 29 6.26 8.71 -5.13
C GLY A 29 6.67 7.58 -6.06
N ILE A 30 5.79 6.59 -6.22
CA ILE A 30 6.07 5.45 -7.08
C ILE A 30 5.02 5.32 -8.18
N SER A 31 3.99 6.14 -8.09
CA SER A 31 2.92 6.12 -9.08
C SER A 31 2.88 7.42 -9.87
N ASP A 32 3.78 8.34 -9.54
CA ASP A 32 3.86 9.62 -10.22
C ASP A 32 3.89 9.44 -11.73
N PRO A 33 3.48 10.49 -12.46
CA PRO A 33 3.45 10.46 -13.93
C PRO A 33 4.84 10.47 -14.53
N GLN A 34 5.70 11.34 -14.02
CA GLN A 34 7.08 11.44 -14.52
C GLN A 34 7.77 10.08 -14.47
N HIS A 35 7.31 9.22 -13.58
CA HIS A 35 7.90 7.88 -13.44
C HIS A 35 7.89 7.15 -14.79
N ARG A 36 6.93 7.48 -15.64
CA ARG A 36 6.83 6.85 -16.95
C ARG A 36 8.07 7.14 -17.79
N ARG A 37 8.37 8.42 -17.97
CA ARG A 37 9.53 8.82 -18.75
C ARG A 37 10.82 8.35 -18.10
N LYS A 38 10.75 8.06 -16.79
CA LYS A 38 11.91 7.61 -16.05
C LYS A 38 12.07 6.09 -16.15
N LEU A 39 10.95 5.41 -16.38
CA LEU A 39 10.97 3.95 -16.50
C LEU A 39 11.07 3.53 -17.96
N LEU A 40 10.75 4.45 -18.86
CA LEU A 40 10.80 4.17 -20.29
C LEU A 40 12.24 4.28 -20.81
N GLN A 41 12.96 5.27 -20.32
CA GLN A 41 14.34 5.49 -20.74
C GLN A 41 15.27 4.48 -20.05
N ALA A 42 14.84 3.96 -18.92
CA ALA A 42 15.63 2.98 -18.18
C ALA A 42 15.35 1.56 -18.65
N ALA A 43 14.09 1.30 -19.01
CA ALA A 43 13.68 -0.02 -19.48
C ALA A 43 14.17 -0.26 -20.91
N ARG A 44 14.22 0.81 -21.69
CA ARG A 44 14.67 0.71 -23.08
C ARG A 44 16.15 0.35 -23.15
N NH2 A 45 16.89 0.70 -22.11
HN1 NH2 A 45 16.47 1.18 -21.34
HN2 NH2 A 45 17.87 0.49 -22.11
C ACE A 1 -11.50 -18.85 20.09
O ACE A 1 -11.40 -18.35 18.97
CH3 ACE A 1 -10.34 -18.96 21.02
H1 ACE A 1 -10.69 -19.00 22.04
H2 ACE A 1 -9.77 -19.87 20.78
H3 ACE A 1 -9.69 -18.08 20.90
N SER A 2 -12.65 -19.32 20.57
CA SER A 2 -13.87 -19.30 19.79
C SER A 2 -14.80 -18.20 20.27
N LYS A 3 -14.70 -17.87 21.56
CA LYS A 3 -15.53 -16.83 22.16
C LYS A 3 -14.95 -15.45 21.90
N LEU A 4 -13.62 -15.38 21.80
CA LEU A 4 -12.94 -14.12 21.55
C LEU A 4 -12.66 -13.93 20.06
N LEU A 5 -13.60 -14.37 19.23
CA LEU A 5 -13.47 -14.24 17.79
C LEU A 5 -13.28 -12.79 17.37
N LEU A 6 -13.84 -11.88 18.17
CA LEU A 6 -13.74 -10.45 17.89
C LEU A 6 -12.34 -9.94 18.18
N ASN A 7 -11.72 -10.48 19.23
CA ASN A 7 -10.37 -10.07 19.60
C ASN A 7 -9.36 -10.47 18.54
N GLY A 8 -9.68 -11.54 17.80
CA GLY A 8 -8.79 -12.00 16.75
C GLY A 8 -8.97 -11.24 15.45
N PHE A 9 -10.23 -11.01 15.07
CA PHE A 9 -10.53 -10.29 13.84
C PHE A 9 -10.26 -8.80 14.00
N ASP A 10 -10.36 -8.31 15.24
CA ASP A 10 -10.13 -6.91 15.53
C ASP A 10 -8.79 -6.45 14.97
N ASP A 11 -7.73 -7.17 15.30
CA ASP A 11 -6.40 -6.84 14.82
C ASP A 11 -6.35 -6.80 13.30
N VAL A 12 -7.24 -7.58 12.67
CA VAL A 12 -7.31 -7.63 11.21
C VAL A 12 -8.06 -6.44 10.65
N HIS A 13 -9.18 -6.09 11.30
CA HIS A 13 -9.99 -4.96 10.86
C HIS A 13 -9.16 -3.69 10.78
N PHE A 14 -8.09 -3.63 11.57
CA PHE A 14 -7.21 -2.46 11.59
C PHE A 14 -6.10 -2.61 10.55
N LEU A 15 -5.67 -3.84 10.32
CA LEU A 15 -4.61 -4.12 9.36
C LEU A 15 -5.05 -3.78 7.94
N GLY A 16 -6.25 -4.24 7.59
CA GLY A 16 -6.78 -3.98 6.26
C GLY A 16 -6.76 -2.50 5.92
N SER A 17 -7.24 -1.67 6.83
CA SER A 17 -7.29 -0.23 6.61
C SER A 17 -5.88 0.36 6.60
N ASN A 18 -4.91 -0.43 7.03
CA ASN A 18 -3.51 0.01 7.07
C ASN A 18 -2.79 -0.36 5.78
N VAL A 19 -2.95 -1.61 5.36
CA VAL A 19 -2.31 -2.08 4.13
C VAL A 19 -2.69 -1.20 2.95
N MET A 20 -3.88 -0.61 3.00
CA MET A 20 -4.35 0.25 1.92
C MET A 20 -3.71 1.63 2.03
N GLU A 21 -3.47 2.09 3.26
CA GLU A 21 -2.87 3.39 3.49
C GLU A 21 -1.41 3.40 3.08
N GLU A 22 -0.73 2.26 3.29
CA GLU A 22 0.68 2.14 2.94
C GLU A 22 0.86 1.94 1.44
N GLN A 23 -0.16 1.37 0.80
CA GLN A 23 -0.12 1.12 -0.64
C GLN A 23 -0.49 2.38 -1.42
N ASP A 24 -1.33 3.21 -0.81
CA ASP A 24 -1.77 4.45 -1.45
C ASP A 24 -0.69 5.52 -1.36
N LEU A 25 0.17 5.41 -0.36
CA LEU A 25 1.25 6.36 -0.16
C LEU A 25 2.44 6.03 -1.05
N ARG A 26 2.56 4.76 -1.42
CA ARG A 26 3.65 4.31 -2.28
C ARG A 26 3.26 4.39 -3.74
N ASP A 27 1.98 4.17 -4.02
CA ASP A 27 1.47 4.22 -5.39
C ASP A 27 1.86 5.53 -6.06
N ILE A 28 1.62 6.64 -5.38
CA ILE A 28 1.94 7.96 -5.92
C ILE A 28 3.41 8.05 -6.31
N GLY A 29 4.24 7.23 -5.67
CA GLY A 29 5.66 7.24 -5.97
C GLY A 29 6.00 6.35 -7.15
N ILE A 30 5.18 5.33 -7.39
CA ILE A 30 5.40 4.41 -8.49
C ILE A 30 4.64 4.85 -9.74
N SER A 31 3.73 5.80 -9.56
CA SER A 31 2.93 6.31 -10.67
C SER A 31 3.34 7.74 -11.02
N ASP A 32 4.31 8.27 -10.28
CA ASP A 32 4.79 9.63 -10.50
C ASP A 32 5.12 9.85 -11.98
N PRO A 33 5.08 11.12 -12.41
CA PRO A 33 5.38 11.50 -13.79
C PRO A 33 6.85 11.32 -14.14
N GLN A 34 7.73 11.80 -13.26
CA GLN A 34 9.17 11.70 -13.47
C GLN A 34 9.56 10.25 -13.75
N HIS A 35 8.78 9.31 -13.23
CA HIS A 35 9.06 7.89 -13.43
C HIS A 35 9.25 7.58 -14.92
N ARG A 36 8.40 8.16 -15.75
CA ARG A 36 8.47 7.94 -17.19
C ARG A 36 9.79 8.47 -17.76
N ARG A 37 10.26 9.58 -17.20
CA ARG A 37 11.50 10.19 -17.65
C ARG A 37 12.70 9.39 -17.17
N LYS A 38 12.57 8.77 -16.00
CA LYS A 38 13.65 7.97 -15.43
C LYS A 38 13.65 6.56 -16.02
N LEU A 39 12.51 6.14 -16.54
CA LEU A 39 12.38 4.82 -17.12
C LEU A 39 12.71 4.86 -18.62
N LEU A 40 12.60 6.04 -19.21
CA LEU A 40 12.89 6.21 -20.63
C LEU A 40 14.40 6.14 -20.89
N GLN A 41 15.15 6.88 -20.08
CA GLN A 41 16.61 6.90 -20.22
C GLN A 41 17.22 5.56 -19.81
N ALA A 42 16.51 4.83 -18.95
CA ALA A 42 16.98 3.54 -18.47
C ALA A 42 16.57 2.42 -19.44
N ALA A 43 15.45 2.63 -20.12
CA ALA A 43 14.95 1.64 -21.07
C ALA A 43 15.58 1.81 -22.44
N ARG A 44 16.06 3.03 -22.71
CA ARG A 44 16.70 3.32 -23.99
C ARG A 44 18.03 2.59 -24.12
N NH2 A 45 18.73 2.44 -23.00
HN1 NH2 A 45 18.38 2.81 -22.15
HN2 NH2 A 45 19.62 1.98 -23.03
C ACE A 1 -16.01 -18.88 20.89
O ACE A 1 -15.22 -19.31 20.05
CH3 ACE A 1 -16.38 -19.66 22.11
H1 ACE A 1 -15.49 -20.15 22.50
H2 ACE A 1 -16.78 -18.99 22.86
H3 ACE A 1 -17.11 -20.43 21.84
N SER A 2 -16.60 -17.70 20.79
CA SER A 2 -16.36 -16.81 19.66
C SER A 2 -15.68 -15.52 20.11
N LYS A 3 -15.94 -15.13 21.35
CA LYS A 3 -15.35 -13.92 21.91
C LYS A 3 -13.83 -13.94 21.79
N LEU A 4 -13.23 -15.10 22.03
CA LEU A 4 -11.79 -15.25 21.95
C LEU A 4 -11.29 -14.92 20.54
N LEU A 5 -12.13 -15.21 19.54
CA LEU A 5 -11.77 -14.94 18.15
C LEU A 5 -11.98 -13.47 17.81
N LEU A 6 -13.05 -12.89 18.35
CA LEU A 6 -13.36 -11.49 18.10
C LEU A 6 -12.20 -10.59 18.51
N ASN A 7 -11.58 -10.91 19.65
CA ASN A 7 -10.45 -10.13 20.15
C ASN A 7 -9.24 -10.27 19.24
N GLY A 8 -9.17 -11.40 18.54
CA GLY A 8 -8.06 -11.64 17.64
C GLY A 8 -8.27 -11.02 16.27
N PHE A 9 -9.52 -11.04 15.81
CA PHE A 9 -9.86 -10.48 14.50
C PHE A 9 -9.73 -8.95 14.52
N ASP A 10 -9.89 -8.37 15.70
CA ASP A 10 -9.78 -6.92 15.85
C ASP A 10 -8.49 -6.39 15.24
N ASP A 11 -7.38 -7.06 15.57
CA ASP A 11 -6.07 -6.66 15.05
C ASP A 11 -6.03 -6.78 13.53
N VAL A 12 -6.78 -7.73 13.00
CA VAL A 12 -6.84 -7.94 11.55
C VAL A 12 -7.69 -6.89 10.87
N HIS A 13 -8.84 -6.57 11.47
CA HIS A 13 -9.73 -5.56 10.92
C HIS A 13 -9.01 -4.24 10.71
N PHE A 14 -7.97 -4.02 11.50
CA PHE A 14 -7.19 -2.78 11.40
C PHE A 14 -6.11 -2.90 10.34
N LEU A 15 -5.54 -4.10 10.19
CA LEU A 15 -4.50 -4.35 9.21
C LEU A 15 -4.97 -3.98 7.81
N GLY A 16 -6.17 -4.45 7.45
CA GLY A 16 -6.72 -4.15 6.14
C GLY A 16 -6.73 -2.67 5.83
N SER A 17 -7.19 -1.87 6.80
CA SER A 17 -7.26 -0.43 6.63
C SER A 17 -5.86 0.19 6.60
N ASN A 18 -4.86 -0.60 7.00
CA ASN A 18 -3.49 -0.12 7.02
C ASN A 18 -2.78 -0.45 5.72
N VAL A 19 -2.93 -1.70 5.26
CA VAL A 19 -2.30 -2.13 4.01
C VAL A 19 -2.72 -1.25 2.85
N MET A 20 -3.92 -0.67 2.94
CA MET A 20 -4.42 0.21 1.89
C MET A 20 -3.82 1.60 2.01
N GLU A 21 -3.56 2.03 3.24
CA GLU A 21 -2.99 3.35 3.49
C GLU A 21 -1.53 3.39 3.05
N GLU A 22 -0.83 2.26 3.22
CA GLU A 22 0.57 2.17 2.84
C GLU A 22 0.72 2.01 1.34
N GLN A 23 -0.29 1.42 0.70
CA GLN A 23 -0.27 1.22 -0.74
C GLN A 23 -0.69 2.47 -1.48
N ASP A 24 -1.54 3.28 -0.84
CA ASP A 24 -2.01 4.52 -1.45
C ASP A 24 -0.95 5.61 -1.37
N LEU A 25 -0.06 5.49 -0.39
CA LEU A 25 1.00 6.46 -0.21
C LEU A 25 2.19 6.16 -1.12
N ARG A 26 2.32 4.90 -1.49
CA ARG A 26 3.41 4.47 -2.36
C ARG A 26 2.99 4.54 -3.83
N ASP A 27 1.71 4.28 -4.08
CA ASP A 27 1.16 4.32 -5.44
C ASP A 27 1.52 5.63 -6.13
N ILE A 28 1.28 6.74 -5.45
CA ILE A 28 1.56 8.06 -6.00
C ILE A 28 3.03 8.16 -6.43
N GLY A 29 3.88 7.37 -5.79
CA GLY A 29 5.29 7.39 -6.11
C GLY A 29 5.64 6.46 -7.27
N ILE A 30 4.82 5.43 -7.46
CA ILE A 30 5.04 4.47 -8.53
C ILE A 30 4.32 4.89 -9.81
N SER A 31 3.35 5.78 -9.67
CA SER A 31 2.58 6.27 -10.80
C SER A 31 2.96 7.70 -11.15
N ASP A 32 3.90 8.26 -10.39
CA ASP A 32 4.36 9.62 -10.61
C ASP A 32 4.73 9.84 -12.08
N PRO A 33 4.67 11.10 -12.52
CA PRO A 33 4.99 11.48 -13.90
C PRO A 33 6.47 11.33 -14.20
N GLN A 34 7.31 11.85 -13.31
CA GLN A 34 8.76 11.77 -13.48
C GLN A 34 9.21 10.34 -13.75
N HIS A 35 8.43 9.38 -13.24
CA HIS A 35 8.75 7.98 -13.43
C HIS A 35 8.99 7.66 -14.90
N ARG A 36 8.13 8.18 -15.75
CA ARG A 36 8.24 7.95 -17.19
C ARG A 36 9.56 8.50 -17.73
N ARG A 37 10.03 9.59 -17.12
CA ARG A 37 11.28 10.22 -17.53
C ARG A 37 12.48 9.42 -17.03
N LYS A 38 12.34 8.81 -15.86
CA LYS A 38 13.41 8.02 -15.27
C LYS A 38 13.44 6.62 -15.87
N LEU A 39 12.31 6.18 -16.41
CA LEU A 39 12.22 4.87 -17.02
C LEU A 39 12.57 4.92 -18.50
N LEU A 40 12.46 6.11 -19.09
CA LEU A 40 12.78 6.29 -20.50
C LEU A 40 14.28 6.21 -20.74
N GLN A 41 15.04 6.97 -19.97
CA GLN A 41 16.50 6.98 -20.09
C GLN A 41 17.08 5.65 -19.63
N ALA A 42 16.35 4.95 -18.77
CA ALA A 42 16.80 3.66 -18.26
C ALA A 42 16.45 2.53 -19.22
N ALA A 43 15.30 2.65 -19.87
CA ALA A 43 14.85 1.64 -20.81
C ALA A 43 15.50 1.84 -22.19
N ARG A 44 15.93 3.07 -22.46
CA ARG A 44 16.55 3.39 -23.72
C ARG A 44 17.99 2.88 -23.76
N NH2 A 45 18.60 2.76 -22.60
HN1 NH2 A 45 18.12 2.99 -21.75
HN2 NH2 A 45 19.54 2.43 -22.55
C ACE A 1 -17.75 -17.21 17.70
O ACE A 1 -18.81 -17.50 18.25
CH3 ACE A 1 -17.63 -17.14 16.21
H1 ACE A 1 -18.63 -17.26 15.77
H2 ACE A 1 -17.22 -16.19 15.93
H3 ACE A 1 -16.99 -17.96 15.87
N SER A 2 -16.64 -16.93 18.36
CA SER A 2 -16.59 -16.95 19.81
C SER A 2 -16.18 -15.59 20.37
N LYS A 3 -16.00 -15.52 21.68
CA LYS A 3 -15.60 -14.28 22.34
C LYS A 3 -14.10 -14.06 22.24
N LEU A 4 -13.35 -15.16 22.23
CA LEU A 4 -11.90 -15.09 22.13
C LEU A 4 -11.45 -14.79 20.71
N LEU A 5 -12.20 -15.30 19.74
CA LEU A 5 -11.88 -15.08 18.33
C LEU A 5 -12.13 -13.62 17.94
N LEU A 6 -13.04 -12.98 18.64
CA LEU A 6 -13.38 -11.58 18.38
C LEU A 6 -12.22 -10.67 18.76
N ASN A 7 -11.66 -10.89 19.95
CA ASN A 7 -10.55 -10.09 20.44
C ASN A 7 -9.40 -10.07 19.44
N GLY A 8 -9.30 -11.14 18.65
CA GLY A 8 -8.24 -11.23 17.65
C GLY A 8 -8.70 -10.78 16.28
N PHE A 9 -9.96 -11.06 15.96
CA PHE A 9 -10.52 -10.68 14.66
C PHE A 9 -10.73 -9.17 14.59
N ASP A 10 -10.73 -8.52 15.75
CA ASP A 10 -10.93 -7.08 15.82
C ASP A 10 -9.64 -6.34 15.50
N ASP A 11 -8.51 -7.00 15.70
CA ASP A 11 -7.21 -6.40 15.44
C ASP A 11 -6.76 -6.69 14.00
N VAL A 12 -7.16 -7.84 13.49
CA VAL A 12 -6.80 -8.24 12.13
C VAL A 12 -7.62 -7.47 11.10
N HIS A 13 -8.82 -7.05 11.50
CA HIS A 13 -9.70 -6.30 10.62
C HIS A 13 -9.12 -4.92 10.30
N PHE A 14 -8.26 -4.43 11.20
CA PHE A 14 -7.64 -3.12 11.02
C PHE A 14 -6.46 -3.22 10.06
N LEU A 15 -5.74 -4.33 10.11
CA LEU A 15 -4.59 -4.54 9.24
C LEU A 15 -4.97 -4.38 7.77
N GLY A 16 -6.07 -5.01 7.37
CA GLY A 16 -6.53 -4.91 6.00
C GLY A 16 -6.65 -3.48 5.53
N SER A 17 -7.29 -2.64 6.35
CA SER A 17 -7.48 -1.23 6.01
C SER A 17 -6.17 -0.46 6.14
N ASN A 18 -5.18 -1.10 6.76
CA ASN A 18 -3.87 -0.46 6.95
C ASN A 18 -2.95 -0.75 5.78
N VAL A 19 -2.95 -2.00 5.33
CA VAL A 19 -2.12 -2.40 4.20
C VAL A 19 -2.40 -1.54 2.97
N MET A 20 -3.63 -1.08 2.84
CA MET A 20 -4.03 -0.24 1.72
C MET A 20 -3.54 1.19 1.91
N GLU A 21 -3.50 1.63 3.15
CA GLU A 21 -3.06 2.98 3.47
C GLU A 21 -1.55 3.13 3.27
N GLU A 22 -0.82 2.04 3.49
CA GLU A 22 0.62 2.04 3.33
C GLU A 22 1.01 1.87 1.87
N GLN A 23 0.15 1.21 1.10
CA GLN A 23 0.40 0.97 -0.31
C GLN A 23 -0.16 2.11 -1.15
N ASP A 24 -1.08 2.88 -0.58
CA ASP A 24 -1.69 4.00 -1.28
C ASP A 24 -0.80 5.24 -1.20
N LEU A 25 -0.03 5.34 -0.12
CA LEU A 25 0.86 6.48 0.07
C LEU A 25 2.16 6.29 -0.71
N ARG A 26 2.50 5.04 -0.98
CA ARG A 26 3.72 4.72 -1.73
C ARG A 26 3.44 4.66 -3.22
N ASP A 27 2.24 4.20 -3.58
CA ASP A 27 1.84 4.08 -4.97
C ASP A 27 1.98 5.43 -5.69
N ILE A 28 1.59 6.50 -5.01
CA ILE A 28 1.68 7.83 -5.58
C ILE A 28 3.09 8.14 -6.06
N GLY A 29 4.07 7.50 -5.45
CA GLY A 29 5.45 7.71 -5.84
C GLY A 29 5.90 6.78 -6.95
N ILE A 30 5.21 5.65 -7.08
CA ILE A 30 5.54 4.68 -8.11
C ILE A 30 4.73 4.91 -9.38
N SER A 31 3.72 5.77 -9.27
CA SER A 31 2.87 6.09 -10.41
C SER A 31 3.09 7.52 -10.89
N ASP A 32 4.00 8.22 -10.21
CA ASP A 32 4.32 9.59 -10.57
C ASP A 32 4.63 9.73 -12.05
N PRO A 33 4.45 10.93 -12.60
CA PRO A 33 4.70 11.21 -14.02
C PRO A 33 6.19 11.17 -14.35
N GLN A 34 7.00 11.83 -13.52
CA GLN A 34 8.44 11.88 -13.74
C GLN A 34 9.01 10.47 -13.89
N HIS A 35 8.34 9.49 -13.29
CA HIS A 35 8.77 8.11 -13.35
C HIS A 35 9.01 7.68 -14.80
N ARG A 36 8.03 7.96 -15.65
CA ARG A 36 8.13 7.61 -17.07
C ARG A 36 9.36 8.24 -17.71
N ARG A 37 9.82 9.35 -17.12
CA ARG A 37 10.98 10.05 -17.63
C ARG A 37 12.27 9.43 -17.12
N LYS A 38 12.22 8.89 -15.90
CA LYS A 38 13.39 8.26 -15.30
C LYS A 38 13.52 6.81 -15.76
N LEU A 39 12.42 6.23 -16.22
CA LEU A 39 12.41 4.86 -16.71
C LEU A 39 12.73 4.80 -18.19
N LEU A 40 12.48 5.91 -18.89
CA LEU A 40 12.75 5.98 -20.32
C LEU A 40 14.24 6.04 -20.60
N GLN A 41 14.94 6.92 -19.89
CA GLN A 41 16.38 7.07 -20.06
C GLN A 41 17.12 5.85 -19.54
N ALA A 42 16.50 5.13 -18.61
CA ALA A 42 17.10 3.94 -18.03
C ALA A 42 16.82 2.72 -18.89
N ALA A 43 15.67 2.72 -19.56
CA ALA A 43 15.28 1.60 -20.42
C ALA A 43 15.90 1.74 -21.80
N ARG A 44 16.24 2.96 -22.18
CA ARG A 44 16.84 3.22 -23.49
C ARG A 44 18.24 2.63 -23.57
N NH2 A 45 18.96 2.66 -22.45
HN1 NH2 A 45 18.56 3.05 -21.61
HN2 NH2 A 45 19.89 2.29 -22.44
C ACE A 1 -15.52 -18.26 26.14
O ACE A 1 -14.92 -17.31 25.68
CH3 ACE A 1 -14.96 -19.10 27.25
H1 ACE A 1 -15.77 -19.47 27.87
H2 ACE A 1 -14.42 -19.94 26.81
H3 ACE A 1 -14.28 -18.49 27.85
N SER A 2 -16.73 -18.64 25.72
CA SER A 2 -17.42 -17.93 24.64
C SER A 2 -16.59 -17.96 23.36
N LYS A 3 -17.21 -17.50 22.27
CA LYS A 3 -16.53 -17.48 20.97
C LYS A 3 -15.18 -16.79 21.07
N LEU A 4 -15.15 -15.64 21.73
CA LEU A 4 -13.93 -14.88 21.90
C LEU A 4 -13.22 -14.70 20.56
N LEU A 5 -14.00 -14.50 19.50
CA LEU A 5 -13.45 -14.30 18.17
C LEU A 5 -13.53 -12.84 17.75
N LEU A 6 -14.56 -12.15 18.25
CA LEU A 6 -14.77 -10.75 17.93
C LEU A 6 -13.63 -9.89 18.47
N ASN A 7 -13.08 -10.31 19.62
CA ASN A 7 -11.98 -9.59 20.24
C ASN A 7 -10.67 -9.81 19.48
N GLY A 8 -10.57 -10.97 18.82
CA GLY A 8 -9.36 -11.28 18.07
C GLY A 8 -9.36 -10.64 16.70
N PHE A 9 -10.54 -10.52 16.10
CA PHE A 9 -10.66 -9.92 14.77
C PHE A 9 -10.40 -8.41 14.83
N ASP A 10 -10.66 -7.82 15.99
CA ASP A 10 -10.45 -6.39 16.18
C ASP A 10 -9.05 -5.98 15.75
N ASP A 11 -8.04 -6.61 16.34
CA ASP A 11 -6.65 -6.32 16.01
C ASP A 11 -6.41 -6.44 14.51
N VAL A 12 -7.19 -7.29 13.86
CA VAL A 12 -7.06 -7.50 12.42
C VAL A 12 -7.73 -6.39 11.64
N HIS A 13 -8.91 -5.97 12.10
CA HIS A 13 -9.66 -4.91 11.44
C HIS A 13 -8.81 -3.64 11.32
N PHE A 14 -7.85 -3.49 12.22
CA PHE A 14 -6.96 -2.33 12.20
C PHE A 14 -5.84 -2.51 11.19
N LEU A 15 -5.25 -3.70 11.17
CA LEU A 15 -4.16 -3.99 10.25
C LEU A 15 -4.58 -3.73 8.82
N GLY A 16 -5.87 -3.93 8.53
CA GLY A 16 -6.37 -3.71 7.19
C GLY A 16 -6.19 -2.27 6.73
N SER A 17 -6.62 -1.33 7.57
CA SER A 17 -6.52 0.08 7.24
C SER A 17 -5.06 0.52 7.15
N ASN A 18 -4.16 -0.32 7.67
CA ASN A 18 -2.73 -0.03 7.63
C ASN A 18 -2.08 -0.61 6.38
N VAL A 19 -2.40 -1.87 6.09
CA VAL A 19 -1.85 -2.54 4.92
C VAL A 19 -2.15 -1.76 3.64
N MET A 20 -3.25 -1.04 3.65
CA MET A 20 -3.66 -0.23 2.49
C MET A 20 -2.87 1.07 2.44
N GLU A 21 -2.55 1.61 3.61
CA GLU A 21 -1.80 2.86 3.69
C GLU A 21 -0.35 2.66 3.28
N GLU A 22 0.18 1.47 3.59
CA GLU A 22 1.57 1.15 3.26
C GLU A 22 1.70 0.78 1.78
N GLN A 23 0.62 0.26 1.21
CA GLN A 23 0.61 -0.12 -0.20
C GLN A 23 0.15 1.02 -1.08
N ASP A 24 -0.50 2.00 -0.48
CA ASP A 24 -1.00 3.16 -1.21
C ASP A 24 0.10 4.22 -1.38
N LEU A 25 1.02 4.25 -0.42
CA LEU A 25 2.12 5.21 -0.45
C LEU A 25 3.29 4.65 -1.28
N ARG A 26 3.36 3.33 -1.39
CA ARG A 26 4.42 2.68 -2.15
C ARG A 26 3.97 2.38 -3.57
N ASP A 27 3.00 3.15 -4.06
CA ASP A 27 2.48 2.97 -5.41
C ASP A 27 2.44 4.30 -6.15
N ILE A 28 1.90 5.32 -5.50
CA ILE A 28 1.79 6.64 -6.11
C ILE A 28 3.16 7.15 -6.55
N GLY A 29 4.21 6.66 -5.90
CA GLY A 29 5.56 7.08 -6.25
C GLY A 29 6.16 6.23 -7.35
N ILE A 30 5.63 5.03 -7.52
CA ILE A 30 6.13 4.12 -8.55
C ILE A 30 5.30 4.21 -9.82
N SER A 31 4.14 4.88 -9.72
CA SER A 31 3.25 5.05 -10.86
C SER A 31 3.23 6.50 -11.32
N ASP A 32 4.00 7.35 -10.64
CA ASP A 32 4.08 8.76 -10.99
C ASP A 32 4.36 8.95 -12.48
N PRO A 33 3.96 10.10 -13.01
CA PRO A 33 4.17 10.43 -14.43
C PRO A 33 5.63 10.66 -14.77
N GLN A 34 6.32 11.44 -13.94
CA GLN A 34 7.73 11.73 -14.16
C GLN A 34 8.53 10.44 -14.32
N HIS A 35 8.04 9.37 -13.71
CA HIS A 35 8.72 8.07 -13.80
C HIS A 35 9.01 7.71 -15.24
N ARG A 36 8.09 8.04 -16.14
CA ARG A 36 8.25 7.74 -17.55
C ARG A 36 9.42 8.52 -18.15
N ARG A 37 9.58 9.75 -17.70
CA ARG A 37 10.66 10.61 -18.19
C ARG A 37 12.00 10.15 -17.64
N LYS A 38 11.99 9.60 -16.42
CA LYS A 38 13.20 9.12 -15.78
C LYS A 38 13.54 7.71 -16.24
N LEU A 39 12.54 6.99 -16.73
CA LEU A 39 12.73 5.63 -17.21
C LEU A 39 13.10 5.62 -18.69
N LEU A 40 12.76 6.69 -19.39
CA LEU A 40 13.06 6.81 -20.81
C LEU A 40 14.54 7.06 -21.03
N GLN A 41 15.09 8.02 -20.29
CA GLN A 41 16.51 8.35 -20.40
C GLN A 41 17.38 7.23 -19.86
N ALA A 42 16.82 6.43 -18.95
CA ALA A 42 17.54 5.31 -18.35
C ALA A 42 17.42 4.06 -19.22
N ALA A 43 16.31 3.95 -19.93
CA ALA A 43 16.08 2.79 -20.80
C ALA A 43 16.75 2.98 -22.15
N ARG A 44 17.02 4.23 -22.51
CA ARG A 44 17.66 4.54 -23.78
C ARG A 44 19.10 4.04 -23.81
N NH2 A 45 19.76 4.11 -22.67
HN1 NH2 A 45 19.33 4.50 -21.85
HN2 NH2 A 45 20.71 3.79 -22.62
C ACE A 1 -18.68 -18.74 19.28
O ACE A 1 -19.22 -19.29 20.23
CH3 ACE A 1 -18.97 -19.12 17.87
H1 ACE A 1 -18.33 -19.97 17.59
H2 ACE A 1 -20.01 -19.41 17.77
H3 ACE A 1 -18.76 -18.28 17.21
N SER A 2 -17.81 -17.75 19.42
CA SER A 2 -17.42 -17.26 20.74
C SER A 2 -17.01 -15.79 20.68
N LYS A 3 -16.70 -15.21 21.84
CA LYS A 3 -16.29 -13.81 21.91
C LYS A 3 -14.77 -13.68 21.77
N LEU A 4 -14.13 -14.79 21.44
CA LEU A 4 -12.68 -14.80 21.27
C LEU A 4 -12.28 -14.51 19.83
N LEU A 5 -13.07 -15.03 18.89
CA LEU A 5 -12.81 -14.82 17.48
C LEU A 5 -12.82 -13.33 17.14
N LEU A 6 -13.73 -12.59 17.75
CA LEU A 6 -13.84 -11.15 17.51
C LEU A 6 -12.53 -10.45 17.83
N ASN A 7 -11.98 -10.73 19.02
CA ASN A 7 -10.72 -10.12 19.44
C ASN A 7 -9.57 -10.56 18.54
N GLY A 8 -9.71 -11.74 17.94
CA GLY A 8 -8.68 -12.26 17.08
C GLY A 8 -8.74 -11.65 15.68
N PHE A 9 -9.94 -11.27 15.26
CA PHE A 9 -10.14 -10.69 13.94
C PHE A 9 -9.92 -9.17 13.99
N ASP A 10 -10.15 -8.59 15.16
CA ASP A 10 -9.99 -7.15 15.34
C ASP A 10 -8.62 -6.69 14.85
N ASP A 11 -7.57 -7.37 15.32
CA ASP A 11 -6.21 -7.04 14.94
C ASP A 11 -6.03 -7.12 13.43
N VAL A 12 -6.86 -7.95 12.79
CA VAL A 12 -6.79 -8.13 11.34
C VAL A 12 -7.56 -7.03 10.62
N HIS A 13 -8.74 -6.70 11.14
CA HIS A 13 -9.57 -5.66 10.54
C HIS A 13 -8.80 -4.34 10.43
N PHE A 14 -7.81 -4.17 11.31
CA PHE A 14 -7.00 -2.96 11.32
C PHE A 14 -5.82 -3.08 10.35
N LEU A 15 -5.20 -4.25 10.34
CA LEU A 15 -4.05 -4.51 9.48
C LEU A 15 -4.44 -4.33 8.01
N GLY A 16 -5.67 -4.69 7.68
CA GLY A 16 -6.14 -4.57 6.31
C GLY A 16 -6.17 -3.12 5.84
N SER A 17 -6.54 -2.22 6.75
CA SER A 17 -6.62 -0.80 6.43
C SER A 17 -5.24 -0.15 6.48
N ASN A 18 -4.41 -0.62 7.40
CA ASN A 18 -3.06 -0.09 7.56
C ASN A 18 -2.16 -0.53 6.41
N VAL A 19 -2.32 -1.79 5.99
CA VAL A 19 -1.52 -2.33 4.90
C VAL A 19 -1.84 -1.64 3.59
N MET A 20 -3.03 -1.07 3.49
CA MET A 20 -3.46 -0.37 2.29
C MET A 20 -2.97 1.08 2.31
N GLU A 21 -2.94 1.67 3.49
CA GLU A 21 -2.49 3.06 3.65
C GLU A 21 -0.99 3.18 3.39
N GLU A 22 -0.25 2.13 3.74
CA GLU A 22 1.19 2.12 3.54
C GLU A 22 1.54 1.83 2.09
N GLN A 23 0.73 0.99 1.45
CA GLN A 23 0.96 0.64 0.04
C GLN A 23 0.38 1.70 -0.89
N ASP A 24 -0.57 2.47 -0.38
CA ASP A 24 -1.20 3.53 -1.17
C ASP A 24 -0.33 4.76 -1.21
N LEU A 25 0.50 4.93 -0.19
CA LEU A 25 1.41 6.09 -0.10
C LEU A 25 2.69 5.83 -0.90
N ARG A 26 3.11 4.58 -0.94
CA ARG A 26 4.32 4.21 -1.65
C ARG A 26 4.04 4.02 -3.14
N ASP A 27 2.81 3.66 -3.47
CA ASP A 27 2.41 3.45 -4.85
C ASP A 27 2.49 4.75 -5.64
N ILE A 28 2.03 5.84 -5.03
CA ILE A 28 2.06 7.16 -5.67
C ILE A 28 3.47 7.51 -6.12
N GLY A 29 4.46 6.95 -5.45
CA GLY A 29 5.84 7.23 -5.80
C GLY A 29 6.34 6.34 -6.93
N ILE A 30 5.75 5.17 -7.06
CA ILE A 30 6.13 4.22 -8.11
C ILE A 30 5.27 4.41 -9.35
N SER A 31 4.18 5.14 -9.21
CA SER A 31 3.27 5.38 -10.33
C SER A 31 3.36 6.83 -10.79
N ASP A 32 4.20 7.61 -10.13
CA ASP A 32 4.38 9.02 -10.47
C ASP A 32 4.64 9.20 -11.96
N PRO A 33 4.32 10.39 -12.48
CA PRO A 33 4.51 10.70 -13.90
C PRO A 33 5.98 10.82 -14.27
N GLN A 34 6.74 11.54 -13.46
CA GLN A 34 8.17 11.72 -13.71
C GLN A 34 8.87 10.38 -13.90
N HIS A 35 8.31 9.34 -13.29
CA HIS A 35 8.89 8.00 -13.40
C HIS A 35 9.11 7.62 -14.86
N ARG A 36 8.21 8.05 -15.72
CA ARG A 36 8.32 7.76 -17.15
C ARG A 36 9.55 8.42 -17.75
N ARG A 37 9.83 9.64 -17.32
CA ARG A 37 10.97 10.39 -17.83
C ARG A 37 12.28 9.79 -17.29
N LYS A 38 12.22 9.25 -16.09
CA LYS A 38 13.40 8.64 -15.47
C LYS A 38 13.60 7.22 -15.95
N LEU A 39 12.52 6.61 -16.42
CA LEU A 39 12.58 5.23 -16.92
C LEU A 39 12.92 5.21 -18.41
N LEU A 40 12.66 6.32 -19.09
CA LEU A 40 12.95 6.42 -20.52
C LEU A 40 14.45 6.54 -20.76
N GLN A 41 15.09 7.42 -20.01
CA GLN A 41 16.53 7.64 -20.15
C GLN A 41 17.31 6.42 -19.63
N ALA A 42 16.69 5.67 -18.74
CA ALA A 42 17.33 4.48 -18.17
C ALA A 42 17.08 3.26 -19.03
N ALA A 43 15.95 3.26 -19.74
CA ALA A 43 15.60 2.15 -20.62
C ALA A 43 16.23 2.30 -21.98
N ARG A 44 16.56 3.54 -22.35
CA ARG A 44 17.17 3.83 -23.65
C ARG A 44 18.59 3.26 -23.71
N NH2 A 45 19.29 3.30 -22.57
HN1 NH2 A 45 18.88 3.68 -21.75
HN2 NH2 A 45 20.22 2.95 -22.55
C ACE A 1 -11.25 -21.03 18.57
O ACE A 1 -10.93 -21.12 17.38
CH3 ACE A 1 -10.29 -21.35 19.66
H1 ACE A 1 -9.29 -21.05 19.36
H2 ACE A 1 -10.57 -20.79 20.56
H3 ACE A 1 -10.31 -22.41 19.87
N SER A 2 -12.47 -20.68 18.97
CA SER A 2 -13.51 -20.34 18.02
C SER A 2 -13.89 -18.86 18.10
N LYS A 3 -14.60 -18.50 19.17
CA LYS A 3 -15.03 -17.12 19.37
C LYS A 3 -13.82 -16.18 19.34
N LEU A 4 -12.69 -16.65 19.84
CA LEU A 4 -11.47 -15.86 19.88
C LEU A 4 -11.08 -15.39 18.47
N LEU A 5 -11.51 -16.15 17.47
CA LEU A 5 -11.20 -15.82 16.08
C LEU A 5 -11.68 -14.41 15.75
N LEU A 6 -12.69 -13.94 16.47
CA LEU A 6 -13.24 -12.61 16.25
C LEU A 6 -12.34 -11.54 16.88
N ASN A 7 -11.87 -11.81 18.09
CA ASN A 7 -10.98 -10.88 18.78
C ASN A 7 -9.76 -10.55 17.95
N GLY A 8 -9.36 -11.49 17.09
CA GLY A 8 -8.19 -11.29 16.25
C GLY A 8 -8.56 -10.64 14.92
N PHE A 9 -9.70 -11.04 14.37
CA PHE A 9 -10.16 -10.50 13.09
C PHE A 9 -10.54 -9.02 13.23
N ASP A 10 -10.72 -8.58 14.48
CA ASP A 10 -11.08 -7.19 14.74
C ASP A 10 -9.85 -6.29 14.67
N ASP A 11 -8.69 -6.86 14.91
CA ASP A 11 -7.43 -6.11 14.87
C ASP A 11 -6.84 -6.11 13.47
N VAL A 12 -7.04 -7.21 12.74
CA VAL A 12 -6.52 -7.32 11.39
C VAL A 12 -7.32 -6.47 10.41
N HIS A 13 -8.59 -6.25 10.73
CA HIS A 13 -9.47 -5.44 9.89
C HIS A 13 -9.01 -3.98 9.86
N PHE A 14 -8.30 -3.57 10.91
CA PHE A 14 -7.81 -2.21 11.01
C PHE A 14 -6.50 -2.05 10.24
N LEU A 15 -5.66 -3.08 10.30
CA LEU A 15 -4.37 -3.05 9.60
C LEU A 15 -4.57 -2.76 8.12
N GLY A 16 -5.65 -3.29 7.55
CA GLY A 16 -5.92 -3.06 6.14
C GLY A 16 -5.96 -1.59 5.77
N SER A 17 -6.92 -0.87 6.33
CA SER A 17 -7.06 0.55 6.04
C SER A 17 -5.75 1.29 6.30
N ASN A 18 -4.99 0.82 7.29
CA ASN A 18 -3.71 1.43 7.63
C ASN A 18 -2.70 1.22 6.50
N VAL A 19 -2.52 -0.03 6.09
CA VAL A 19 -1.59 -0.36 5.03
C VAL A 19 -1.82 0.51 3.81
N MET A 20 -3.07 0.91 3.60
CA MET A 20 -3.42 1.75 2.46
C MET A 20 -2.99 3.19 2.68
N GLU A 21 -3.07 3.63 3.94
CA GLU A 21 -2.68 5.00 4.30
C GLU A 21 -1.17 5.18 4.19
N GLU A 22 -0.43 4.11 4.47
CA GLU A 22 1.02 4.15 4.41
C GLU A 22 1.51 4.03 2.96
N GLN A 23 0.76 3.32 2.14
CA GLN A 23 1.12 3.13 0.75
C GLN A 23 0.58 4.28 -0.12
N ASP A 24 -0.46 4.94 0.37
CA ASP A 24 -1.07 6.05 -0.34
C ASP A 24 -0.22 7.31 -0.21
N LEU A 25 0.45 7.44 0.93
CA LEU A 25 1.29 8.61 1.19
C LEU A 25 2.63 8.49 0.46
N ARG A 26 2.97 7.28 0.04
CA ARG A 26 4.20 7.03 -0.68
C ARG A 26 3.95 6.84 -2.17
N ASP A 27 2.79 6.27 -2.49
CA ASP A 27 2.42 6.04 -3.89
C ASP A 27 2.58 7.31 -4.72
N ILE A 28 2.28 8.46 -4.11
CA ILE A 28 2.39 9.73 -4.78
C ILE A 28 3.77 9.90 -5.42
N GLY A 29 4.77 9.24 -4.84
CA GLY A 29 6.11 9.33 -5.36
C GLY A 29 6.48 8.14 -6.21
N ILE A 30 5.70 7.07 -6.11
CA ILE A 30 5.96 5.87 -6.89
C ILE A 30 5.03 5.79 -8.10
N SER A 31 4.22 6.82 -8.29
CA SER A 31 3.30 6.87 -9.41
C SER A 31 3.49 8.13 -10.24
N ASP A 32 4.46 8.95 -9.82
CA ASP A 32 4.76 10.19 -10.52
C ASP A 32 4.93 9.96 -12.02
N PRO A 33 4.68 11.01 -12.82
CA PRO A 33 4.80 10.93 -14.28
C PRO A 33 6.24 10.79 -14.74
N GLN A 34 7.18 11.24 -13.91
CA GLN A 34 8.59 11.14 -14.23
C GLN A 34 9.12 9.73 -13.99
N HIS A 35 8.26 8.86 -13.51
CA HIS A 35 8.63 7.47 -13.24
C HIS A 35 8.61 6.64 -14.52
N ARG A 36 7.54 6.80 -15.30
CA ARG A 36 7.39 6.06 -16.54
C ARG A 36 8.46 6.48 -17.55
N ARG A 37 8.83 7.75 -17.52
CA ARG A 37 9.84 8.27 -18.43
C ARG A 37 11.25 7.90 -17.95
N LYS A 38 11.39 7.66 -16.65
CA LYS A 38 12.67 7.30 -16.07
C LYS A 38 12.87 5.79 -16.09
N LEU A 39 11.75 5.05 -16.18
CA LEU A 39 11.81 3.60 -16.20
C LEU A 39 11.88 3.07 -17.63
N LEU A 40 11.45 3.90 -18.58
CA LEU A 40 11.48 3.53 -19.99
C LEU A 40 12.91 3.43 -20.50
N GLN A 41 13.65 4.53 -20.38
CA GLN A 41 15.04 4.57 -20.82
C GLN A 41 15.91 3.65 -19.98
N ALA A 42 15.46 3.36 -18.77
CA ALA A 42 16.20 2.50 -17.86
C ALA A 42 15.95 1.03 -18.17
N ALA A 43 14.75 0.74 -18.67
CA ALA A 43 14.38 -0.63 -19.02
C ALA A 43 14.76 -0.96 -20.46
N ARG A 44 14.89 0.08 -21.28
CA ARG A 44 15.25 -0.11 -22.68
C ARG A 44 16.69 -0.60 -22.81
N NH2 A 45 17.55 -0.12 -21.93
HN1 NH2 A 45 17.24 0.51 -21.22
HN2 NH2 A 45 18.51 -0.41 -21.95
C ACE A 1 -13.98 -21.77 16.52
O ACE A 1 -13.78 -22.87 17.02
CH3 ACE A 1 -14.55 -21.61 15.15
H1 ACE A 1 -15.56 -21.22 15.22
H2 ACE A 1 -13.93 -20.93 14.58
H3 ACE A 1 -14.57 -22.58 14.66
N SER A 2 -13.73 -20.63 17.16
CA SER A 2 -13.17 -20.60 18.50
C SER A 2 -13.58 -19.33 19.24
N LYS A 3 -13.14 -19.21 20.49
CA LYS A 3 -13.46 -18.05 21.30
C LYS A 3 -12.36 -17.00 21.21
N LEU A 4 -11.41 -17.22 20.30
CA LEU A 4 -10.29 -16.30 20.11
C LEU A 4 -10.36 -15.64 18.74
N LEU A 5 -11.57 -15.53 18.20
CA LEU A 5 -11.77 -14.93 16.89
C LEU A 5 -12.15 -13.46 17.02
N LEU A 6 -12.83 -13.12 18.11
CA LEU A 6 -13.25 -11.75 18.36
C LEU A 6 -12.04 -10.85 18.64
N ASN A 7 -11.24 -11.24 19.62
CA ASN A 7 -10.05 -10.48 19.99
C ASN A 7 -9.13 -10.31 18.78
N GLY A 8 -9.17 -11.27 17.86
CA GLY A 8 -8.33 -11.22 16.69
C GLY A 8 -8.99 -10.46 15.54
N PHE A 9 -10.32 -10.37 15.58
CA PHE A 9 -11.07 -9.68 14.54
C PHE A 9 -11.06 -8.17 14.79
N ASP A 10 -10.72 -7.78 16.01
CA ASP A 10 -10.69 -6.37 16.36
C ASP A 10 -9.39 -5.72 15.89
N ASP A 11 -8.35 -6.53 15.71
CA ASP A 11 -7.06 -6.04 15.26
C ASP A 11 -6.97 -6.08 13.74
N VAL A 12 -7.63 -7.06 13.14
CA VAL A 12 -7.62 -7.20 11.68
C VAL A 12 -8.51 -6.15 11.02
N HIS A 13 -9.53 -5.71 11.75
CA HIS A 13 -10.45 -4.70 11.23
C HIS A 13 -9.74 -3.37 11.01
N PHE A 14 -8.65 -3.15 11.75
CA PHE A 14 -7.89 -1.92 11.63
C PHE A 14 -6.83 -2.05 10.55
N LEU A 15 -6.19 -3.21 10.47
CA LEU A 15 -5.15 -3.45 9.48
C LEU A 15 -5.70 -3.27 8.06
N GLY A 16 -6.99 -3.56 7.89
CA GLY A 16 -7.61 -3.42 6.58
C GLY A 16 -7.76 -1.97 6.17
N SER A 17 -8.06 -1.10 7.14
CA SER A 17 -8.23 0.31 6.86
C SER A 17 -6.88 1.04 6.84
N ASN A 18 -5.87 0.40 7.44
CA ASN A 18 -4.53 0.98 7.49
C ASN A 18 -3.70 0.54 6.29
N VAL A 19 -3.90 -0.70 5.87
CA VAL A 19 -3.17 -1.25 4.72
C VAL A 19 -3.48 -0.47 3.46
N MET A 20 -4.68 0.11 3.39
CA MET A 20 -5.09 0.90 2.23
C MET A 20 -4.39 2.25 2.22
N GLU A 21 -4.17 2.81 3.40
CA GLU A 21 -3.52 4.10 3.52
C GLU A 21 -2.05 4.02 3.09
N GLU A 22 -1.37 2.96 3.53
CA GLU A 22 0.04 2.77 3.21
C GLU A 22 0.20 2.43 1.72
N GLN A 23 -0.83 1.83 1.14
CA GLN A 23 -0.80 1.45 -0.26
C GLN A 23 -1.04 2.66 -1.16
N ASP A 24 -1.93 3.55 -0.71
CA ASP A 24 -2.25 4.75 -1.47
C ASP A 24 -1.15 5.79 -1.34
N LEU A 25 -0.32 5.64 -0.31
CA LEU A 25 0.77 6.58 -0.07
C LEU A 25 2.03 6.16 -0.82
N ARG A 26 2.11 4.86 -1.15
CA ARG A 26 3.26 4.33 -1.88
C ARG A 26 3.02 4.40 -3.38
N ASP A 27 1.75 4.30 -3.77
CA ASP A 27 1.39 4.35 -5.19
C ASP A 27 1.72 5.71 -5.79
N ILE A 28 1.54 6.76 -5.00
CA ILE A 28 1.82 8.12 -5.46
C ILE A 28 3.25 8.24 -5.96
N GLY A 29 4.13 7.38 -5.46
CA GLY A 29 5.52 7.41 -5.88
C GLY A 29 5.80 6.46 -7.03
N ILE A 30 4.93 5.47 -7.20
CA ILE A 30 5.08 4.49 -8.26
C ILE A 30 4.34 4.92 -9.52
N SER A 31 3.43 5.88 -9.37
CA SER A 31 2.66 6.38 -10.49
C SER A 31 3.11 7.79 -10.88
N ASP A 32 4.09 8.31 -10.16
CA ASP A 32 4.61 9.64 -10.42
C ASP A 32 4.95 9.81 -11.89
N PRO A 33 4.95 11.07 -12.36
CA PRO A 33 5.26 11.39 -13.76
C PRO A 33 6.73 11.16 -14.10
N GLN A 34 7.61 11.64 -13.23
CA GLN A 34 9.05 11.49 -13.44
C GLN A 34 9.42 10.04 -13.68
N HIS A 35 8.60 9.13 -13.14
CA HIS A 35 8.84 7.70 -13.30
C HIS A 35 9.03 7.34 -14.77
N ARG A 36 8.25 7.97 -15.64
CA ARG A 36 8.33 7.72 -17.07
C ARG A 36 9.71 8.06 -17.61
N ARG A 37 10.34 9.07 -17.00
CA ARG A 37 11.67 9.50 -17.43
C ARG A 37 12.73 8.53 -16.92
N LYS A 38 12.50 7.97 -15.74
CA LYS A 38 13.44 7.02 -15.14
C LYS A 38 13.26 5.63 -15.74
N LEU A 39 12.08 5.36 -16.28
CA LEU A 39 11.79 4.07 -16.87
C LEU A 39 12.15 4.07 -18.36
N LEU A 40 12.21 5.24 -18.95
CA LEU A 40 12.55 5.37 -20.36
C LEU A 40 14.01 5.06 -20.60
N GLN A 41 14.89 5.70 -19.84
CA GLN A 41 16.32 5.50 -19.97
C GLN A 41 16.71 4.10 -19.51
N ALA A 42 15.89 3.51 -18.64
CA ALA A 42 16.13 2.18 -18.12
C ALA A 42 15.62 1.11 -19.07
N ALA A 43 14.47 1.39 -19.69
CA ALA A 43 13.88 0.44 -20.62
C ALA A 43 14.53 0.54 -21.99
N ARG A 44 15.15 1.68 -22.28
CA ARG A 44 15.82 1.89 -23.55
C ARG A 44 17.17 1.16 -23.59
N NH2 A 45 17.75 0.96 -22.41
HN1 NH2 A 45 17.30 1.26 -21.58
HN2 NH2 A 45 18.63 0.49 -22.37
C ACE A 1 -19.06 -16.18 18.24
O ACE A 1 -20.19 -16.25 18.74
CH3 ACE A 1 -18.82 -16.57 16.83
H1 ACE A 1 -18.46 -15.69 16.27
H2 ACE A 1 -18.07 -17.35 16.79
H3 ACE A 1 -19.74 -16.92 16.37
N SER A 2 -17.99 -15.77 18.91
CA SER A 2 -18.07 -15.38 20.31
C SER A 2 -17.33 -14.06 20.54
N LYS A 3 -17.56 -13.45 21.71
CA LYS A 3 -16.92 -12.20 22.05
C LYS A 3 -15.40 -12.32 22.00
N LEU A 4 -14.90 -13.51 22.30
CA LEU A 4 -13.47 -13.77 22.30
C LEU A 4 -12.91 -13.70 20.87
N LEU A 5 -13.73 -14.10 19.91
CA LEU A 5 -13.31 -14.07 18.50
C LEU A 5 -13.10 -12.64 18.02
N LEU A 6 -13.97 -11.74 18.46
CA LEU A 6 -13.87 -10.33 18.08
C LEU A 6 -12.58 -9.71 18.61
N ASN A 7 -12.12 -10.21 19.75
CA ASN A 7 -10.89 -9.71 20.36
C ASN A 7 -9.66 -10.17 19.59
N GLY A 8 -9.79 -11.30 18.90
CA GLY A 8 -8.68 -11.84 18.13
C GLY A 8 -8.62 -11.26 16.73
N PHE A 9 -9.79 -11.04 16.13
CA PHE A 9 -9.85 -10.48 14.78
C PHE A 9 -9.49 -9.00 14.79
N ASP A 10 -9.64 -8.36 15.95
CA ASP A 10 -9.32 -6.95 16.09
C ASP A 10 -7.88 -6.67 15.68
N ASP A 11 -6.98 -7.58 16.04
CA ASP A 11 -5.58 -7.42 15.71
C ASP A 11 -5.32 -7.79 14.25
N VAL A 12 -6.36 -8.25 13.56
CA VAL A 12 -6.24 -8.64 12.17
C VAL A 12 -6.94 -7.63 11.26
N HIS A 13 -7.94 -6.95 11.80
CA HIS A 13 -8.69 -5.95 11.05
C HIS A 13 -7.92 -4.64 10.95
N PHE A 14 -6.88 -4.51 11.78
CA PHE A 14 -6.07 -3.29 11.79
C PHE A 14 -4.88 -3.44 10.85
N LEU A 15 -4.45 -4.68 10.62
CA LEU A 15 -3.33 -4.95 9.73
C LEU A 15 -3.73 -4.77 8.27
N GLY A 16 -4.79 -5.45 7.86
CA GLY A 16 -5.25 -5.35 6.48
C GLY A 16 -5.45 -3.91 6.05
N SER A 17 -6.02 -3.09 6.93
CA SER A 17 -6.27 -1.69 6.63
C SER A 17 -4.96 -0.92 6.52
N ASN A 18 -3.99 -1.30 7.34
CA ASN A 18 -2.70 -0.64 7.34
C ASN A 18 -1.94 -0.93 6.05
N VAL A 19 -1.82 -2.21 5.71
CA VAL A 19 -1.13 -2.62 4.50
C VAL A 19 -1.64 -1.87 3.28
N MET A 20 -2.92 -1.48 3.33
CA MET A 20 -3.53 -0.74 2.23
C MET A 20 -3.04 0.70 2.20
N GLU A 21 -2.92 1.30 3.38
CA GLU A 21 -2.47 2.68 3.49
C GLU A 21 -1.04 2.83 2.96
N GLU A 22 -0.20 1.86 3.29
CA GLU A 22 1.19 1.88 2.85
C GLU A 22 1.29 1.66 1.34
N GLN A 23 0.41 0.80 0.82
CA GLN A 23 0.40 0.49 -0.61
C GLN A 23 -0.21 1.65 -1.40
N ASP A 24 -1.15 2.34 -0.79
CA ASP A 24 -1.81 3.47 -1.44
C ASP A 24 -0.93 4.72 -1.41
N LEU A 25 -0.04 4.78 -0.42
CA LEU A 25 0.86 5.92 -0.27
C LEU A 25 2.09 5.74 -1.14
N ARG A 26 2.41 4.50 -1.49
CA ARG A 26 3.57 4.21 -2.33
C ARG A 26 3.17 4.15 -3.80
N ASP A 27 1.94 3.70 -4.05
CA ASP A 27 1.45 3.59 -5.42
C ASP A 27 1.62 4.91 -6.18
N ILE A 28 1.15 6.00 -5.57
CA ILE A 28 1.27 7.32 -6.18
C ILE A 28 2.71 7.64 -6.54
N GLY A 29 3.66 7.01 -5.83
CA GLY A 29 5.06 7.24 -6.09
C GLY A 29 5.59 6.37 -7.22
N ILE A 30 4.96 5.22 -7.41
CA ILE A 30 5.37 4.29 -8.45
C ILE A 30 4.60 4.54 -9.75
N SER A 31 3.52 5.29 -9.64
CA SER A 31 2.69 5.61 -10.80
C SER A 31 2.84 7.07 -11.21
N ASP A 32 3.69 7.80 -10.47
CA ASP A 32 3.93 9.20 -10.75
C ASP A 32 4.27 9.42 -12.22
N PRO A 33 4.03 10.64 -12.72
CA PRO A 33 4.30 11.00 -14.11
C PRO A 33 5.80 11.07 -14.40
N GLN A 34 6.54 11.74 -13.52
CA GLN A 34 7.98 11.88 -13.70
C GLN A 34 8.65 10.52 -13.90
N HIS A 35 8.02 9.48 -13.35
CA HIS A 35 8.55 8.13 -13.47
C HIS A 35 8.85 7.79 -14.93
N ARG A 36 7.94 8.17 -15.83
CA ARG A 36 8.11 7.90 -17.24
C ARG A 36 9.32 8.64 -17.79
N ARG A 37 9.57 9.83 -17.27
CA ARG A 37 10.70 10.64 -17.71
C ARG A 37 12.01 10.08 -17.17
N LYS A 38 11.95 9.51 -15.97
CA LYS A 38 13.12 8.94 -15.34
C LYS A 38 13.41 7.53 -15.85
N LEU A 39 12.36 6.89 -16.38
CA LEU A 39 12.49 5.53 -16.91
C LEU A 39 12.87 5.57 -18.39
N LEU A 40 12.58 6.68 -19.05
CA LEU A 40 12.90 6.84 -20.47
C LEU A 40 14.40 7.02 -20.67
N GLN A 41 14.99 7.93 -19.88
CA GLN A 41 16.41 8.20 -19.98
C GLN A 41 17.23 7.01 -19.47
N ALA A 42 16.63 6.21 -18.61
CA ALA A 42 17.29 5.04 -18.06
C ALA A 42 17.15 3.83 -18.97
N ALA A 43 16.04 3.79 -19.70
CA ALA A 43 15.77 2.68 -20.63
C ALA A 43 16.45 2.93 -21.98
N ARG A 44 16.72 4.19 -22.27
CA ARG A 44 17.37 4.55 -23.54
C ARG A 44 18.82 4.08 -23.56
N NH2 A 45 19.46 4.10 -22.40
HN1 NH2 A 45 19.00 4.44 -21.58
HN2 NH2 A 45 20.41 3.81 -22.36
C ACE A 1 -11.05 -21.62 16.75
O ACE A 1 -10.24 -22.01 17.59
CH3 ACE A 1 -11.04 -22.13 15.35
H1 ACE A 1 -11.80 -22.91 15.24
H2 ACE A 1 -11.26 -21.32 14.66
H3 ACE A 1 -10.06 -22.55 15.12
N SER A 2 -11.99 -20.72 17.01
CA SER A 2 -12.13 -20.13 18.33
C SER A 2 -13.53 -19.55 18.52
N LYS A 3 -13.80 -19.08 19.74
CA LYS A 3 -15.11 -18.50 20.05
C LYS A 3 -15.02 -16.98 20.11
N LEU A 4 -13.89 -16.47 20.60
CA LEU A 4 -13.69 -15.03 20.72
C LEU A 4 -12.90 -14.50 19.53
N LEU A 5 -13.13 -15.10 18.35
CA LEU A 5 -12.45 -14.69 17.13
C LEU A 5 -12.74 -13.21 16.81
N LEU A 6 -13.89 -12.74 17.29
CA LEU A 6 -14.29 -11.36 17.05
C LEU A 6 -13.32 -10.38 17.71
N ASN A 7 -12.68 -10.84 18.79
CA ASN A 7 -11.73 -10.01 19.52
C ASN A 7 -10.36 -10.06 18.84
N GLY A 8 -10.07 -11.17 18.17
CA GLY A 8 -8.80 -11.32 17.50
C GLY A 8 -8.80 -10.74 16.10
N PHE A 9 -9.98 -10.75 15.47
CA PHE A 9 -10.11 -10.21 14.12
C PHE A 9 -10.10 -8.69 14.13
N ASP A 10 -10.51 -8.11 15.25
CA ASP A 10 -10.54 -6.66 15.39
C ASP A 10 -9.20 -6.05 15.01
N ASP A 11 -8.12 -6.58 15.59
CA ASP A 11 -6.78 -6.09 15.31
C ASP A 11 -6.45 -6.20 13.83
N VAL A 12 -7.09 -7.16 13.16
CA VAL A 12 -6.88 -7.39 11.74
C VAL A 12 -7.69 -6.41 10.89
N HIS A 13 -8.92 -6.16 11.32
CA HIS A 13 -9.80 -5.24 10.61
C HIS A 13 -9.15 -3.88 10.43
N PHE A 14 -8.23 -3.55 11.32
CA PHE A 14 -7.54 -2.26 11.28
C PHE A 14 -6.34 -2.34 10.33
N LEU A 15 -5.65 -3.48 10.35
CA LEU A 15 -4.48 -3.68 9.50
C LEU A 15 -4.80 -3.35 8.05
N GLY A 16 -5.98 -3.78 7.61
CA GLY A 16 -6.39 -3.52 6.23
C GLY A 16 -6.26 -2.06 5.86
N SER A 17 -7.08 -1.22 6.47
CA SER A 17 -7.07 0.21 6.20
C SER A 17 -5.65 0.77 6.32
N ASN A 18 -4.87 0.20 7.23
CA ASN A 18 -3.49 0.65 7.44
C ASN A 18 -2.64 0.35 6.21
N VAL A 19 -2.66 -0.90 5.77
CA VAL A 19 -1.88 -1.31 4.60
C VAL A 19 -2.13 -0.38 3.42
N MET A 20 -3.33 0.18 3.35
CA MET A 20 -3.70 1.08 2.27
C MET A 20 -3.11 2.47 2.50
N GLU A 21 -3.06 2.88 3.77
CA GLU A 21 -2.51 4.19 4.12
C GLU A 21 -0.99 4.21 3.97
N GLU A 22 -0.39 3.03 4.08
CA GLU A 22 1.07 2.91 3.95
C GLU A 22 1.48 2.84 2.48
N GLN A 23 0.63 2.23 1.66
CA GLN A 23 0.91 2.08 0.24
C GLN A 23 0.43 3.31 -0.53
N ASP A 24 -0.52 4.04 0.05
CA ASP A 24 -1.06 5.23 -0.58
C ASP A 24 -0.10 6.40 -0.45
N LEU A 25 0.65 6.41 0.66
CA LEU A 25 1.61 7.49 0.91
C LEU A 25 2.88 7.28 0.09
N ARG A 26 3.14 6.05 -0.29
CA ARG A 26 4.32 5.73 -1.10
C ARG A 26 3.98 5.69 -2.58
N ASP A 27 2.75 5.29 -2.89
CA ASP A 27 2.30 5.20 -4.27
C ASP A 27 2.50 6.53 -4.99
N ILE A 28 2.30 7.62 -4.26
CA ILE A 28 2.46 8.96 -4.82
C ILE A 28 3.84 9.13 -5.45
N GLY A 29 4.80 8.36 -4.95
CA GLY A 29 6.15 8.44 -5.49
C GLY A 29 6.43 7.39 -6.54
N ILE A 30 5.61 6.35 -6.56
CA ILE A 30 5.77 5.28 -7.53
C ILE A 30 4.85 5.48 -8.74
N SER A 31 4.02 6.52 -8.67
CA SER A 31 3.09 6.82 -9.75
C SER A 31 3.42 8.18 -10.37
N ASP A 32 4.44 8.84 -9.85
CA ASP A 32 4.85 10.14 -10.35
C ASP A 32 5.02 10.11 -11.86
N PRO A 33 4.93 11.29 -12.50
CA PRO A 33 5.07 11.43 -13.95
C PRO A 33 6.50 11.19 -14.42
N GLN A 34 7.46 11.79 -13.71
CA GLN A 34 8.86 11.63 -14.07
C GLN A 34 9.26 10.16 -14.12
N HIS A 35 8.53 9.33 -13.39
CA HIS A 35 8.79 7.89 -13.36
C HIS A 35 8.78 7.31 -14.77
N ARG A 36 8.04 7.94 -15.66
CA ARG A 36 7.95 7.48 -17.04
C ARG A 36 9.23 7.82 -17.81
N ARG A 37 9.86 8.93 -17.44
CA ARG A 37 11.10 9.36 -18.09
C ARG A 37 12.29 8.54 -17.60
N LYS A 38 12.20 8.06 -16.37
CA LYS A 38 13.27 7.26 -15.78
C LYS A 38 13.09 5.79 -16.12
N LEU A 39 11.86 5.40 -16.44
CA LEU A 39 11.55 4.02 -16.79
C LEU A 39 11.81 3.76 -18.26
N LEU A 40 11.74 4.81 -19.07
CA LEU A 40 11.96 4.70 -20.50
C LEU A 40 13.42 4.42 -20.81
N GLN A 41 14.31 5.21 -20.19
CA GLN A 41 15.74 5.05 -20.39
C GLN A 41 16.23 3.73 -19.80
N ALA A 42 15.52 3.23 -18.80
CA ALA A 42 15.88 1.98 -18.15
C ALA A 42 15.28 0.79 -18.89
N ALA A 43 14.14 1.01 -19.52
CA ALA A 43 13.46 -0.05 -20.26
C ALA A 43 14.04 -0.20 -21.68
N ARG A 44 14.64 0.88 -22.17
CA ARG A 44 15.23 0.88 -23.50
C ARG A 44 16.46 -0.03 -23.55
N NH2 A 45 17.21 -0.07 -22.45
HN1 NH2 A 45 16.94 0.47 -21.65
HN2 NH2 A 45 18.02 -0.65 -22.42
C ACE A 1 -13.18 -18.04 25.86
O ACE A 1 -12.86 -17.06 25.18
CH3 ACE A 1 -12.27 -18.61 26.89
H1 ACE A 1 -12.26 -17.95 27.76
H2 ACE A 1 -12.63 -19.59 27.19
H3 ACE A 1 -11.26 -18.70 26.49
N SER A 2 -14.34 -18.67 25.72
CA SER A 2 -15.33 -18.23 24.74
C SER A 2 -14.75 -18.25 23.33
N LYS A 3 -15.58 -17.93 22.35
CA LYS A 3 -15.16 -17.91 20.95
C LYS A 3 -13.90 -17.06 20.79
N LEU A 4 -13.89 -15.90 21.44
CA LEU A 4 -12.74 -15.00 21.35
C LEU A 4 -12.33 -14.76 19.90
N LEU A 5 -13.33 -14.69 19.02
CA LEU A 5 -13.08 -14.47 17.60
C LEU A 5 -13.36 -13.01 17.22
N LEU A 6 -14.39 -12.44 17.83
CA LEU A 6 -14.76 -11.06 17.55
C LEU A 6 -13.63 -10.11 17.92
N ASN A 7 -13.04 -10.31 19.09
CA ASN A 7 -11.95 -9.48 19.56
C ASN A 7 -10.75 -9.56 18.60
N GLY A 8 -10.62 -10.71 17.93
CA GLY A 8 -9.53 -10.89 17.00
C GLY A 8 -9.85 -10.37 15.62
N PHE A 9 -11.12 -10.44 15.24
CA PHE A 9 -11.54 -9.97 13.93
C PHE A 9 -11.64 -8.45 13.89
N ASP A 10 -11.66 -7.84 15.07
CA ASP A 10 -11.74 -6.38 15.18
C ASP A 10 -10.38 -5.74 14.96
N ASP A 11 -9.32 -6.50 15.23
CA ASP A 11 -7.96 -6.01 15.05
C ASP A 11 -7.47 -6.27 13.64
N VAL A 12 -7.91 -7.38 13.05
CA VAL A 12 -7.50 -7.75 11.71
C VAL A 12 -8.19 -6.87 10.67
N HIS A 13 -9.38 -6.38 11.01
CA HIS A 13 -10.14 -5.52 10.10
C HIS A 13 -9.43 -4.18 9.91
N PHE A 14 -8.60 -3.80 10.88
CA PHE A 14 -7.87 -2.54 10.81
C PHE A 14 -6.55 -2.72 10.09
N LEU A 15 -5.94 -3.90 10.25
CA LEU A 15 -4.66 -4.20 9.61
C LEU A 15 -4.75 -3.99 8.10
N GLY A 16 -5.83 -4.48 7.50
CA GLY A 16 -6.01 -4.32 6.07
C GLY A 16 -5.88 -2.88 5.61
N SER A 17 -6.80 -2.03 6.07
CA SER A 17 -6.78 -0.62 5.70
C SER A 17 -5.40 -0.01 5.97
N ASN A 18 -4.71 -0.54 6.97
CA ASN A 18 -3.39 -0.05 7.33
C ASN A 18 -2.36 -0.42 6.27
N VAL A 19 -2.31 -1.71 5.93
CA VAL A 19 -1.38 -2.21 4.94
C VAL A 19 -1.55 -1.48 3.61
N MET A 20 -2.75 -0.96 3.38
CA MET A 20 -3.04 -0.23 2.15
C MET A 20 -2.62 1.22 2.27
N GLU A 21 -2.84 1.81 3.45
CA GLU A 21 -2.48 3.20 3.69
C GLU A 21 -0.97 3.37 3.74
N GLU A 22 -0.27 2.31 4.13
CA GLU A 22 1.18 2.35 4.23
C GLU A 22 1.82 2.14 2.85
N GLN A 23 1.18 1.33 2.02
CA GLN A 23 1.69 1.04 0.68
C GLN A 23 1.23 2.11 -0.31
N ASP A 24 0.12 2.77 0.01
CA ASP A 24 -0.43 3.82 -0.86
C ASP A 24 0.37 5.11 -0.69
N LEU A 25 1.01 5.27 0.46
CA LEU A 25 1.80 6.46 0.74
C LEU A 25 3.17 6.37 0.09
N ARG A 26 3.63 5.14 -0.16
CA ARG A 26 4.93 4.92 -0.78
C ARG A 26 4.79 4.81 -2.30
N ASP A 27 3.65 4.31 -2.75
CA ASP A 27 3.39 4.15 -4.18
C ASP A 27 3.46 5.50 -4.89
N ILE A 28 3.00 6.54 -4.21
CA ILE A 28 3.00 7.89 -4.77
C ILE A 28 4.39 8.29 -5.26
N GLY A 29 5.41 7.69 -4.65
CA GLY A 29 6.78 7.99 -5.04
C GLY A 29 7.31 7.04 -6.09
N ILE A 30 6.68 5.86 -6.19
CA ILE A 30 7.10 4.86 -7.17
C ILE A 30 6.26 4.95 -8.44
N SER A 31 5.24 5.82 -8.42
CA SER A 31 4.36 5.98 -9.56
C SER A 31 4.47 7.41 -10.12
N ASP A 32 5.32 8.21 -9.50
CA ASP A 32 5.52 9.59 -9.92
C ASP A 32 5.73 9.68 -11.44
N PRO A 33 5.51 10.86 -12.00
CA PRO A 33 5.67 11.10 -13.44
C PRO A 33 7.14 11.05 -13.88
N GLN A 34 8.00 11.70 -13.10
CA GLN A 34 9.42 11.74 -13.41
C GLN A 34 9.98 10.33 -13.55
N HIS A 35 9.30 9.36 -12.94
CA HIS A 35 9.72 7.96 -13.00
C HIS A 35 9.66 7.44 -14.43
N ARG A 36 8.45 7.33 -14.97
CA ARG A 36 8.26 6.83 -16.32
C ARG A 36 9.01 7.69 -17.33
N ARG A 37 9.33 8.92 -16.93
CA ARG A 37 10.05 9.85 -17.79
C ARG A 37 11.55 9.60 -17.72
N LYS A 38 12.03 9.21 -16.55
CA LYS A 38 13.45 8.94 -16.35
C LYS A 38 13.78 7.49 -16.68
N LEU A 39 12.76 6.65 -16.72
CA LEU A 39 12.95 5.24 -17.03
C LEU A 39 12.72 4.96 -18.51
N LEU A 40 12.01 5.88 -19.16
CA LEU A 40 11.72 5.73 -20.59
C LEU A 40 12.94 6.10 -21.42
N GLN A 41 13.61 7.18 -21.05
CA GLN A 41 14.79 7.64 -21.76
C GLN A 41 15.98 6.73 -21.48
N ALA A 42 15.94 6.04 -20.34
CA ALA A 42 17.01 5.14 -19.95
C ALA A 42 16.78 3.74 -20.50
N ALA A 43 15.51 3.39 -20.70
CA ALA A 43 15.15 2.08 -21.22
C ALA A 43 15.23 2.06 -22.75
N ARG A 44 15.13 3.23 -23.36
CA ARG A 44 15.19 3.35 -24.81
C ARG A 44 16.58 2.98 -25.33
N NH2 A 45 17.60 3.35 -24.56
HN1 NH2 A 45 17.43 3.84 -23.71
HN2 NH2 A 45 18.54 3.14 -24.85
C ACE A 1 -12.62 -21.15 24.95
O ACE A 1 -13.71 -21.70 25.09
CH3 ACE A 1 -11.41 -21.60 25.68
H1 ACE A 1 -10.90 -22.38 25.11
H2 ACE A 1 -10.72 -20.76 25.81
H3 ACE A 1 -11.69 -21.99 26.65
N SER A 2 -12.43 -20.11 24.12
CA SER A 2 -13.51 -19.55 23.35
C SER A 2 -13.11 -19.39 21.89
N LYS A 3 -13.98 -18.76 21.10
CA LYS A 3 -13.70 -18.54 19.68
C LYS A 3 -12.82 -17.31 19.48
N LEU A 4 -12.92 -16.37 20.41
CA LEU A 4 -12.12 -15.14 20.33
C LEU A 4 -12.09 -14.59 18.91
N LEU A 5 -13.20 -14.76 18.20
CA LEU A 5 -13.30 -14.29 16.83
C LEU A 5 -13.40 -12.76 16.78
N LEU A 6 -13.94 -12.18 17.85
CA LEU A 6 -14.09 -10.74 17.94
C LEU A 6 -12.78 -10.07 18.35
N ASN A 7 -12.07 -10.70 19.28
CA ASN A 7 -10.80 -10.18 19.76
C ASN A 7 -9.78 -10.10 18.63
N GLY A 8 -9.94 -10.98 17.65
CA GLY A 8 -9.03 -10.98 16.52
C GLY A 8 -9.48 -10.07 15.39
N PHE A 9 -10.79 -9.97 15.22
CA PHE A 9 -11.36 -9.13 14.16
C PHE A 9 -11.18 -7.65 14.51
N ASP A 10 -10.88 -7.37 15.77
CA ASP A 10 -10.69 -6.00 16.22
C ASP A 10 -9.29 -5.49 15.87
N ASP A 11 -8.36 -6.43 15.72
CA ASP A 11 -6.98 -6.09 15.38
C ASP A 11 -6.80 -6.04 13.87
N VAL A 12 -7.52 -6.90 13.16
CA VAL A 12 -7.42 -6.95 11.70
C VAL A 12 -8.11 -5.75 11.06
N HIS A 13 -9.12 -5.22 11.75
CA HIS A 13 -9.86 -4.07 11.25
C HIS A 13 -8.97 -2.83 11.21
N PHE A 14 -7.94 -2.82 12.05
CA PHE A 14 -7.01 -1.69 12.12
C PHE A 14 -5.89 -1.86 11.10
N LEU A 15 -5.55 -3.10 10.79
CA LEU A 15 -4.49 -3.39 9.83
C LEU A 15 -4.87 -2.92 8.43
N GLY A 16 -6.15 -3.05 8.09
CA GLY A 16 -6.62 -2.62 6.78
C GLY A 16 -6.33 -1.16 6.52
N SER A 17 -6.89 -0.28 7.36
CA SER A 17 -6.69 1.15 7.20
C SER A 17 -5.20 1.48 7.11
N ASN A 18 -4.37 0.66 7.75
CA ASN A 18 -2.93 0.88 7.74
C ASN A 18 -2.32 0.44 6.41
N VAL A 19 -2.73 -0.73 5.93
CA VAL A 19 -2.23 -1.26 4.68
C VAL A 19 -2.60 -0.36 3.51
N MET A 20 -3.65 0.44 3.70
CA MET A 20 -4.10 1.35 2.65
C MET A 20 -3.30 2.65 2.68
N GLU A 21 -3.00 3.12 3.89
CA GLU A 21 -2.23 4.35 4.06
C GLU A 21 -0.79 4.17 3.57
N GLU A 22 -0.28 2.95 3.69
CA GLU A 22 1.08 2.65 3.27
C GLU A 22 1.14 2.48 1.75
N GLN A 23 0.09 1.91 1.19
CA GLN A 23 0.03 1.69 -0.26
C GLN A 23 -0.45 2.94 -0.98
N ASP A 24 -1.06 3.86 -0.24
CA ASP A 24 -1.57 5.10 -0.81
C ASP A 24 -0.50 6.19 -0.80
N LEU A 25 0.50 6.02 0.07
CA LEU A 25 1.59 6.98 0.19
C LEU A 25 2.77 6.58 -0.69
N ARG A 26 2.86 5.29 -0.99
CA ARG A 26 3.95 4.77 -1.83
C ARG A 26 3.53 4.74 -3.29
N ASP A 27 2.25 4.52 -3.53
CA ASP A 27 1.72 4.46 -4.90
C ASP A 27 1.87 5.82 -5.59
N ILE A 28 1.73 6.89 -4.82
CA ILE A 28 1.85 8.24 -5.37
C ILE A 28 3.26 8.50 -5.87
N GLY A 29 4.23 7.78 -5.32
CA GLY A 29 5.62 7.95 -5.74
C GLY A 29 6.10 6.83 -6.63
N ILE A 30 5.19 5.91 -6.96
CA ILE A 30 5.52 4.78 -7.81
C ILE A 30 4.71 4.80 -9.10
N SER A 31 3.58 5.51 -9.06
CA SER A 31 2.71 5.61 -10.23
C SER A 31 2.78 7.01 -10.84
N ASP A 32 3.62 7.85 -10.26
CA ASP A 32 3.78 9.22 -10.75
C ASP A 32 4.05 9.23 -12.26
N PRO A 33 3.73 10.35 -12.91
CA PRO A 33 3.91 10.52 -14.35
C PRO A 33 5.39 10.60 -14.73
N GLN A 34 6.15 11.41 -14.00
CA GLN A 34 7.57 11.57 -14.27
C GLN A 34 8.28 10.22 -14.30
N HIS A 35 7.72 9.24 -13.60
CA HIS A 35 8.29 7.91 -13.54
C HIS A 35 8.51 7.36 -14.95
N ARG A 36 7.69 7.81 -15.90
CA ARG A 36 7.79 7.37 -17.28
C ARG A 36 9.14 7.74 -17.88
N ARG A 37 9.47 9.02 -17.84
CA ARG A 37 10.73 9.51 -18.37
C ARG A 37 11.91 8.93 -17.59
N LYS A 38 11.65 8.50 -16.36
CA LYS A 38 12.68 7.93 -15.50
C LYS A 38 12.86 6.44 -15.80
N LEU A 39 11.80 5.81 -16.27
CA LEU A 39 11.84 4.38 -16.59
C LEU A 39 12.17 4.17 -18.07
N LEU A 40 11.99 5.20 -18.87
CA LEU A 40 12.27 5.12 -20.30
C LEU A 40 13.75 5.41 -20.58
N GLN A 41 14.36 6.21 -19.71
CA GLN A 41 15.77 6.54 -19.86
C GLN A 41 16.67 5.49 -19.25
N ALA A 42 16.11 4.72 -18.31
CA ALA A 42 16.85 3.67 -17.65
C ALA A 42 16.66 2.33 -18.34
N ALA A 43 15.51 2.17 -18.99
CA ALA A 43 15.20 0.93 -19.71
C ALA A 43 15.86 0.91 -21.08
N ARG A 44 16.18 2.09 -21.59
CA ARG A 44 16.82 2.21 -22.90
C ARG A 44 18.22 1.63 -22.87
N NH2 A 45 18.91 1.82 -21.76
HN1 NH2 A 45 18.50 2.32 -20.99
HN2 NH2 A 45 19.84 1.46 -21.67
C ACE A 1 -10.15 -19.76 19.43
O ACE A 1 -10.29 -19.30 20.57
CH3 ACE A 1 -11.03 -20.84 18.90
H1 ACE A 1 -12.02 -20.43 18.69
H2 ACE A 1 -10.60 -21.25 17.99
H3 ACE A 1 -11.11 -21.63 19.65
N SER A 2 -9.21 -19.34 18.58
CA SER A 2 -8.27 -18.29 18.95
C SER A 2 -8.77 -16.92 18.50
N LYS A 3 -9.54 -16.92 17.41
CA LYS A 3 -10.09 -15.68 16.88
C LYS A 3 -11.20 -15.14 17.77
N LEU A 4 -11.94 -16.04 18.40
CA LEU A 4 -13.04 -15.66 19.28
C LEU A 4 -14.06 -14.80 18.55
N LEU A 5 -14.05 -14.88 17.22
CA LEU A 5 -14.97 -14.12 16.40
C LEU A 5 -15.04 -12.66 16.86
N LEU A 6 -13.92 -12.15 17.36
CA LEU A 6 -13.85 -10.77 17.83
C LEU A 6 -12.45 -10.44 18.34
N ASN A 7 -11.79 -11.44 18.94
CA ASN A 7 -10.45 -11.26 19.47
C ASN A 7 -9.43 -11.16 18.34
N GLY A 8 -9.69 -11.87 17.25
CA GLY A 8 -8.78 -11.86 16.12
C GLY A 8 -9.26 -10.93 15.01
N PHE A 9 -10.57 -10.89 14.80
CA PHE A 9 -11.15 -10.03 13.77
C PHE A 9 -11.05 -8.57 14.15
N ASP A 10 -10.66 -8.31 15.40
CA ASP A 10 -10.53 -6.95 15.91
C ASP A 10 -9.26 -6.30 15.37
N ASP A 11 -8.19 -7.09 15.26
CA ASP A 11 -6.92 -6.60 14.77
C ASP A 11 -6.94 -6.44 13.25
N VAL A 12 -7.49 -7.43 12.57
CA VAL A 12 -7.58 -7.40 11.12
C VAL A 12 -8.45 -6.24 10.64
N HIS A 13 -9.35 -5.79 11.50
CA HIS A 13 -10.24 -4.68 11.17
C HIS A 13 -9.46 -3.36 11.14
N PHE A 14 -8.34 -3.33 11.83
CA PHE A 14 -7.51 -2.12 11.89
C PHE A 14 -6.39 -2.18 10.86
N LEU A 15 -5.98 -3.40 10.51
CA LEU A 15 -4.92 -3.60 9.53
C LEU A 15 -5.37 -3.15 8.14
N GLY A 16 -6.65 -3.35 7.84
CA GLY A 16 -7.19 -2.96 6.56
C GLY A 16 -7.12 -1.47 6.32
N SER A 17 -7.41 -0.70 7.37
CA SER A 17 -7.38 0.77 7.28
C SER A 17 -5.95 1.29 7.30
N ASN A 18 -5.10 0.62 8.07
CA ASN A 18 -3.69 1.01 8.18
C ASN A 18 -2.94 0.69 6.89
N VAL A 19 -3.09 -0.54 6.42
CA VAL A 19 -2.42 -0.98 5.20
C VAL A 19 -2.70 -0.03 4.04
N MET A 20 -3.86 0.62 4.10
CA MET A 20 -4.27 1.55 3.06
C MET A 20 -3.49 2.86 3.16
N GLU A 21 -3.25 3.31 4.40
CA GLU A 21 -2.51 4.54 4.63
C GLU A 21 -1.04 4.38 4.27
N GLU A 22 -0.54 3.15 4.40
CA GLU A 22 0.85 2.87 4.09
C GLU A 22 1.06 2.72 2.58
N GLN A 23 0.02 2.23 1.90
CA GLN A 23 0.09 2.03 0.45
C GLN A 23 -0.35 3.31 -0.28
N ASP A 24 -1.05 4.17 0.42
CA ASP A 24 -1.53 5.43 -0.17
C ASP A 24 -0.46 6.51 -0.06
N LEU A 25 0.40 6.40 0.95
CA LEU A 25 1.46 7.37 1.17
C LEU A 25 2.69 7.03 0.32
N ARG A 26 2.80 5.76 -0.07
CA ARG A 26 3.92 5.31 -0.89
C ARG A 26 3.57 5.37 -2.37
N ASP A 27 2.31 5.15 -2.69
CA ASP A 27 1.85 5.18 -4.08
C ASP A 27 2.07 6.57 -4.68
N ILE A 28 1.94 7.59 -3.86
CA ILE A 28 2.12 8.96 -4.31
C ILE A 28 3.47 9.15 -4.99
N GLY A 29 4.43 8.32 -4.61
CA GLY A 29 5.76 8.40 -5.20
C GLY A 29 6.10 7.19 -6.04
N ILE A 30 5.11 6.33 -6.26
CA ILE A 30 5.32 5.12 -7.06
C ILE A 30 4.45 5.14 -8.31
N SER A 31 3.41 5.96 -8.29
CA SER A 31 2.50 6.07 -9.44
C SER A 31 2.71 7.40 -10.15
N ASP A 32 3.65 8.20 -9.66
CA ASP A 32 3.94 9.49 -10.26
C ASP A 32 4.17 9.35 -11.77
N PRO A 33 3.94 10.45 -12.51
CA PRO A 33 4.12 10.47 -13.96
C PRO A 33 5.59 10.38 -14.38
N GLN A 34 6.43 11.18 -13.72
CA GLN A 34 7.86 11.18 -14.01
C GLN A 34 8.44 9.76 -13.96
N HIS A 35 7.80 8.92 -13.15
CA HIS A 35 8.26 7.53 -13.01
C HIS A 35 8.41 6.87 -14.37
N ARG A 36 7.49 7.16 -15.29
CA ARG A 36 7.53 6.60 -16.63
C ARG A 36 8.81 6.99 -17.35
N ARG A 37 9.30 8.18 -17.05
CA ARG A 37 10.53 8.68 -17.68
C ARG A 37 11.76 8.02 -17.06
N LYS A 38 11.69 7.72 -15.77
CA LYS A 38 12.79 7.08 -15.07
C LYS A 38 12.81 5.58 -15.31
N LEU A 39 11.64 5.04 -15.67
CA LEU A 39 11.52 3.60 -15.94
C LEU A 39 11.78 3.30 -17.41
N LEU A 40 11.64 4.31 -18.25
CA LEU A 40 11.87 4.15 -19.69
C LEU A 40 13.36 4.16 -20.00
N GLN A 41 14.10 5.00 -19.28
CA GLN A 41 15.54 5.10 -19.49
C GLN A 41 16.27 3.92 -18.86
N ALA A 42 15.64 3.31 -17.87
CA ALA A 42 16.23 2.16 -17.19
C ALA A 42 15.90 0.87 -17.93
N ALA A 43 14.63 0.69 -18.27
CA ALA A 43 14.18 -0.50 -18.98
C ALA A 43 14.80 -0.57 -20.38
N ARG A 44 15.18 0.58 -20.90
CA ARG A 44 15.78 0.66 -22.23
C ARG A 44 17.24 0.18 -22.20
N NH2 A 45 17.87 0.31 -21.04
HN1 NH2 A 45 17.40 0.69 -20.26
HN2 NH2 A 45 18.83 0.01 -20.97
C ACE A 1 -16.57 -14.99 28.35
O ACE A 1 -16.07 -15.21 29.46
CH3 ACE A 1 -17.94 -14.44 28.20
H1 ACE A 1 -18.66 -15.26 28.21
H2 ACE A 1 -18.15 -13.75 29.01
H3 ACE A 1 -18.01 -13.91 27.25
N SER A 2 -15.91 -15.21 27.22
CA SER A 2 -14.56 -15.75 27.20
C SER A 2 -14.05 -15.89 25.76
N LYS A 3 -14.96 -16.23 24.85
CA LYS A 3 -14.61 -16.40 23.45
C LYS A 3 -13.86 -15.18 22.92
N LEU A 4 -14.47 -14.01 23.08
CA LEU A 4 -13.87 -12.76 22.62
C LEU A 4 -13.40 -12.88 21.18
N LEU A 5 -14.19 -13.56 20.36
CA LEU A 5 -13.87 -13.75 18.95
C LEU A 5 -13.92 -12.42 18.20
N LEU A 6 -14.75 -11.50 18.68
CA LEU A 6 -14.88 -10.19 18.07
C LEU A 6 -13.57 -9.43 18.10
N ASN A 7 -12.99 -9.33 19.29
CA ASN A 7 -11.71 -8.63 19.47
C ASN A 7 -10.65 -9.20 18.54
N GLY A 8 -10.78 -10.47 18.19
CA GLY A 8 -9.83 -11.11 17.32
C GLY A 8 -10.03 -10.75 15.86
N PHE A 9 -11.29 -10.77 15.43
CA PHE A 9 -11.61 -10.43 14.05
C PHE A 9 -11.45 -8.94 13.79
N ASP A 10 -11.27 -8.18 14.86
CA ASP A 10 -11.10 -6.74 14.75
C ASP A 10 -9.65 -6.38 14.47
N ASP A 11 -8.73 -7.28 14.83
CA ASP A 11 -7.31 -7.07 14.61
C ASP A 11 -6.86 -7.67 13.29
N VAL A 12 -7.78 -8.38 12.63
CA VAL A 12 -7.48 -9.02 11.35
C VAL A 12 -8.15 -8.27 10.20
N HIS A 13 -9.20 -7.51 10.52
CA HIS A 13 -9.92 -6.75 9.51
C HIS A 13 -9.21 -5.43 9.22
N PHE A 14 -8.34 -5.02 10.14
CA PHE A 14 -7.60 -3.77 9.98
C PHE A 14 -6.31 -4.00 9.19
N LEU A 15 -5.85 -5.24 9.18
CA LEU A 15 -4.62 -5.60 8.47
C LEU A 15 -4.74 -5.25 6.99
N GLY A 16 -5.85 -5.64 6.38
CA GLY A 16 -6.06 -5.35 4.96
C GLY A 16 -5.96 -3.88 4.65
N SER A 17 -6.80 -3.07 5.29
CA SER A 17 -6.81 -1.64 5.07
C SER A 17 -5.41 -1.05 5.28
N ASN A 18 -4.67 -1.63 6.22
CA ASN A 18 -3.33 -1.17 6.52
C ASN A 18 -2.38 -1.44 5.35
N VAL A 19 -2.46 -2.65 4.81
CA VAL A 19 -1.62 -3.03 3.68
C VAL A 19 -1.88 -2.15 2.46
N MET A 20 -3.08 -1.57 2.41
CA MET A 20 -3.46 -0.71 1.30
C MET A 20 -3.02 0.74 1.57
N GLU A 21 -3.10 1.15 2.83
CA GLU A 21 -2.71 2.50 3.21
C GLU A 21 -1.19 2.67 3.16
N GLU A 22 -0.48 1.56 3.35
CA GLU A 22 0.98 1.59 3.33
C GLU A 22 1.51 1.54 1.90
N GLN A 23 0.78 0.83 1.03
CA GLN A 23 1.17 0.70 -0.36
C GLN A 23 0.65 1.86 -1.19
N ASP A 24 -0.37 2.54 -0.67
CA ASP A 24 -0.97 3.68 -1.36
C ASP A 24 -0.14 4.94 -1.16
N LEU A 25 0.56 5.00 -0.03
CA LEU A 25 1.39 6.15 0.30
C LEU A 25 2.76 6.05 -0.38
N ARG A 26 3.18 4.82 -0.65
CA ARG A 26 4.46 4.58 -1.31
C ARG A 26 4.31 4.53 -2.82
N ASP A 27 3.14 4.09 -3.28
CA ASP A 27 2.86 4.01 -4.71
C ASP A 27 3.00 5.36 -5.38
N ILE A 28 2.53 6.40 -4.69
CA ILE A 28 2.60 7.77 -5.22
C ILE A 28 4.04 8.13 -5.60
N GLY A 29 5.00 7.49 -4.94
CA GLY A 29 6.39 7.76 -5.22
C GLY A 29 6.94 6.89 -6.32
N ILE A 30 6.31 5.74 -6.54
CA ILE A 30 6.75 4.81 -7.58
C ILE A 30 5.97 5.04 -8.87
N SER A 31 4.94 5.87 -8.81
CA SER A 31 4.12 6.17 -9.97
C SER A 31 4.28 7.63 -10.39
N ASP A 32 5.11 8.35 -9.66
CA ASP A 32 5.35 9.76 -9.94
C ASP A 32 5.64 9.97 -11.43
N PRO A 33 5.45 11.21 -11.90
CA PRO A 33 5.69 11.57 -13.30
C PRO A 33 7.17 11.56 -13.66
N GLN A 34 8.00 12.12 -12.79
CA GLN A 34 9.43 12.17 -13.03
C GLN A 34 9.99 10.77 -13.27
N HIS A 35 9.27 9.76 -12.79
CA HIS A 35 9.69 8.37 -12.96
C HIS A 35 9.71 7.99 -14.45
N ARG A 36 8.53 7.96 -15.05
CA ARG A 36 8.41 7.59 -16.46
C ARG A 36 9.23 8.54 -17.33
N ARG A 37 9.55 9.71 -16.79
CA ARG A 37 10.33 10.70 -17.53
C ARG A 37 11.83 10.42 -17.40
N LYS A 38 12.23 9.90 -16.24
CA LYS A 38 13.63 9.58 -16.00
C LYS A 38 13.95 8.17 -16.45
N LEU A 39 12.91 7.35 -16.62
CA LEU A 39 13.08 5.97 -17.06
C LEU A 39 12.96 5.86 -18.57
N LEU A 40 12.30 6.83 -19.18
CA LEU A 40 12.10 6.86 -20.62
C LEU A 40 13.36 7.31 -21.35
N GLN A 41 14.04 8.30 -20.75
CA GLN A 41 15.26 8.83 -21.34
C GLN A 41 16.43 7.87 -21.12
N ALA A 42 16.33 7.05 -20.09
CA ALA A 42 17.38 6.09 -19.76
C ALA A 42 17.14 4.76 -20.48
N ALA A 43 15.88 4.46 -20.76
CA ALA A 43 15.52 3.22 -21.44
C ALA A 43 15.69 3.36 -22.95
N ARG A 44 15.66 4.59 -23.43
CA ARG A 44 15.81 4.86 -24.86
C ARG A 44 17.21 4.51 -25.33
N NH2 A 45 18.19 4.75 -24.48
HN1 NH2 A 45 18.00 5.15 -23.59
HN2 NH2 A 45 19.14 4.55 -24.73
C ACE A 1 -19.20 -16.57 16.01
O ACE A 1 -20.09 -16.96 16.77
CH3 ACE A 1 -19.44 -16.32 14.56
H1 ACE A 1 -18.49 -16.33 14.03
H2 ACE A 1 -20.09 -17.09 14.16
H3 ACE A 1 -19.90 -15.34 14.44
N SER A 2 -17.95 -16.36 16.42
CA SER A 2 -17.55 -16.58 17.81
C SER A 2 -16.99 -15.29 18.41
N LYS A 3 -16.85 -15.28 19.73
CA LYS A 3 -16.33 -14.12 20.43
C LYS A 3 -14.80 -14.17 20.50
N LEU A 4 -14.26 -15.37 20.75
CA LEU A 4 -12.82 -15.55 20.83
C LEU A 4 -12.13 -15.13 19.54
N LEU A 5 -12.88 -15.22 18.44
CA LEU A 5 -12.34 -14.85 17.12
C LEU A 5 -12.31 -13.33 16.95
N LEU A 6 -13.30 -12.67 17.53
CA LEU A 6 -13.38 -11.21 17.44
C LEU A 6 -12.19 -10.56 18.13
N ASN A 7 -11.80 -11.09 19.27
CA ASN A 7 -10.66 -10.55 20.02
C ASN A 7 -9.37 -10.70 19.23
N GLY A 8 -9.33 -11.70 18.35
CA GLY A 8 -8.15 -11.92 17.53
C GLY A 8 -8.23 -11.25 16.18
N PHE A 9 -9.45 -10.93 15.76
CA PHE A 9 -9.67 -10.28 14.47
C PHE A 9 -9.45 -8.78 14.58
N ASP A 10 -9.66 -8.25 15.78
CA ASP A 10 -9.48 -6.81 16.02
C ASP A 10 -8.11 -6.34 15.52
N ASP A 11 -7.07 -7.03 15.94
CA ASP A 11 -5.71 -6.69 15.54
C ASP A 11 -5.55 -6.73 14.03
N VAL A 12 -6.36 -7.58 13.38
CA VAL A 12 -6.32 -7.71 11.93
C VAL A 12 -7.07 -6.58 11.25
N HIS A 13 -8.22 -6.22 11.82
CA HIS A 13 -9.04 -5.15 11.26
C HIS A 13 -8.23 -3.85 11.13
N PHE A 14 -7.20 -3.72 11.95
CA PHE A 14 -6.36 -2.54 11.93
C PHE A 14 -5.23 -2.69 10.90
N LEU A 15 -4.67 -3.89 10.82
CA LEU A 15 -3.59 -4.16 9.88
C LEU A 15 -4.06 -3.95 8.44
N GLY A 16 -5.32 -4.28 8.19
CA GLY A 16 -5.88 -4.11 6.85
C GLY A 16 -5.94 -2.67 6.42
N SER A 17 -6.31 -1.79 7.35
CA SER A 17 -6.42 -0.37 7.06
C SER A 17 -5.05 0.29 7.03
N ASN A 18 -4.12 -0.25 7.82
CA ASN A 18 -2.76 0.27 7.88
C ASN A 18 -1.96 -0.16 6.67
N VAL A 19 -2.13 -1.41 6.26
CA VAL A 19 -1.42 -1.96 5.11
C VAL A 19 -1.87 -1.28 3.82
N MET A 20 -3.09 -0.74 3.84
CA MET A 20 -3.64 -0.07 2.67
C MET A 20 -3.24 1.41 2.65
N GLU A 21 -3.16 2.00 3.83
CA GLU A 21 -2.79 3.41 3.95
C GLU A 21 -1.31 3.61 3.64
N GLU A 22 -0.51 2.58 3.91
CA GLU A 22 0.93 2.65 3.67
C GLU A 22 1.25 2.35 2.20
N GLN A 23 0.42 1.52 1.58
CA GLN A 23 0.62 1.15 0.18
C GLN A 23 -0.08 2.16 -0.74
N ASP A 24 -1.04 2.89 -0.19
CA ASP A 24 -1.78 3.89 -0.96
C ASP A 24 -0.97 5.18 -1.10
N LEU A 25 -0.16 5.46 -0.09
CA LEU A 25 0.67 6.67 -0.09
C LEU A 25 1.92 6.46 -0.93
N ARG A 26 2.35 5.21 -1.08
CA ARG A 26 3.52 4.89 -1.86
C ARG A 26 3.15 4.56 -3.30
N ASP A 27 1.99 3.94 -3.48
CA ASP A 27 1.51 3.56 -4.80
C ASP A 27 1.54 4.76 -5.75
N ILE A 28 1.16 5.92 -5.23
CA ILE A 28 1.13 7.15 -6.03
C ILE A 28 2.50 7.44 -6.62
N GLY A 29 3.54 6.94 -5.96
CA GLY A 29 4.90 7.16 -6.44
C GLY A 29 5.35 6.08 -7.40
N ILE A 30 4.52 5.06 -7.57
CA ILE A 30 4.85 3.95 -8.47
C ILE A 30 4.15 4.12 -9.82
N SER A 31 2.95 4.69 -9.79
CA SER A 31 2.19 4.90 -11.01
C SER A 31 2.29 6.35 -11.47
N ASP A 32 3.07 7.14 -10.74
CA ASP A 32 3.26 8.55 -11.09
C ASP A 32 3.63 8.70 -12.56
N PRO A 33 3.28 9.86 -13.14
CA PRO A 33 3.56 10.16 -14.55
C PRO A 33 5.04 10.37 -14.81
N GLN A 34 5.69 11.13 -13.92
CA GLN A 34 7.12 11.40 -14.07
C GLN A 34 7.91 10.11 -14.22
N HIS A 35 7.35 9.01 -13.71
CA HIS A 35 8.02 7.71 -13.79
C HIS A 35 8.39 7.39 -15.23
N ARG A 36 7.64 7.94 -16.17
CA ARG A 36 7.89 7.70 -17.59
C ARG A 36 9.28 8.20 -17.98
N ARG A 37 9.52 9.49 -17.74
CA ARG A 37 10.81 10.10 -18.08
C ARG A 37 11.94 9.47 -17.26
N LYS A 38 11.57 8.81 -16.17
CA LYS A 38 12.54 8.17 -15.30
C LYS A 38 12.82 6.74 -15.76
N LEU A 39 11.84 6.14 -16.43
CA LEU A 39 11.98 4.77 -16.93
C LEU A 39 12.46 4.77 -18.37
N LEU A 40 12.31 5.89 -19.05
CA LEU A 40 12.73 6.02 -20.44
C LEU A 40 14.24 6.21 -20.54
N GLN A 41 14.78 7.08 -19.70
CA GLN A 41 16.22 7.35 -19.69
C GLN A 41 16.97 6.19 -19.05
N ALA A 42 16.29 5.42 -18.22
CA ALA A 42 16.89 4.28 -17.54
C ALA A 42 16.81 3.02 -18.41
N ALA A 43 15.81 2.96 -19.26
CA ALA A 43 15.62 1.82 -20.15
C ALA A 43 16.40 1.99 -21.45
N ARG A 44 16.70 3.24 -21.80
CA ARG A 44 17.44 3.54 -23.01
C ARG A 44 18.88 3.05 -22.91
N NH2 A 45 19.45 3.14 -21.70
HN1 NH2 A 45 18.92 3.51 -20.93
HN2 NH2 A 45 20.38 2.84 -21.57
C ACE A 1 -10.80 -20.12 19.22
O ACE A 1 -11.30 -20.59 20.23
CH3 ACE A 1 -9.33 -19.88 19.11
H1 ACE A 1 -8.82 -20.36 19.94
H2 ACE A 1 -8.96 -20.30 18.17
H3 ACE A 1 -9.13 -18.81 19.13
N SER A 2 -11.50 -19.79 18.14
CA SER A 2 -12.94 -19.95 18.10
C SER A 2 -13.64 -18.93 19.00
N LYS A 3 -13.48 -19.10 20.30
CA LYS A 3 -14.09 -18.19 21.27
C LYS A 3 -13.45 -16.81 21.20
N LEU A 4 -12.19 -16.77 20.77
CA LEU A 4 -11.46 -15.51 20.65
C LEU A 4 -11.48 -15.00 19.21
N LEU A 5 -12.63 -15.15 18.55
CA LEU A 5 -12.77 -14.72 17.17
C LEU A 5 -12.99 -13.20 17.10
N LEU A 6 -13.65 -12.66 18.12
CA LEU A 6 -13.91 -11.22 18.17
C LEU A 6 -12.64 -10.45 18.51
N ASN A 7 -11.90 -10.93 19.50
CA ASN A 7 -10.66 -10.28 19.91
C ASN A 7 -9.70 -10.15 18.74
N GLY A 8 -9.82 -11.05 17.76
CA GLY A 8 -8.96 -11.01 16.60
C GLY A 8 -9.54 -10.18 15.48
N PHE A 9 -10.86 -10.19 15.35
CA PHE A 9 -11.54 -9.44 14.30
C PHE A 9 -11.46 -7.93 14.58
N ASP A 10 -11.13 -7.59 15.83
CA ASP A 10 -11.02 -6.19 16.23
C ASP A 10 -9.68 -5.61 15.78
N ASP A 11 -8.68 -6.47 15.62
CA ASP A 11 -7.35 -6.04 15.20
C ASP A 11 -7.24 -6.03 13.67
N VAL A 12 -7.94 -6.96 13.03
CA VAL A 12 -7.92 -7.06 11.58
C VAL A 12 -8.72 -5.93 10.93
N HIS A 13 -9.73 -5.45 11.66
CA HIS A 13 -10.58 -4.39 11.16
C HIS A 13 -9.79 -3.08 11.04
N PHE A 14 -8.72 -2.97 11.81
CA PHE A 14 -7.89 -1.77 11.80
C PHE A 14 -6.74 -1.93 10.81
N LEU A 15 -6.25 -3.15 10.65
CA LEU A 15 -5.15 -3.44 9.74
C LEU A 15 -5.51 -3.01 8.31
N GLY A 16 -6.79 -3.15 7.96
CA GLY A 16 -7.23 -2.77 6.64
C GLY A 16 -6.84 -1.35 6.27
N SER A 17 -7.37 -0.38 7.02
CA SER A 17 -7.09 1.02 6.77
C SER A 17 -5.59 1.27 6.75
N ASN A 18 -4.85 0.47 7.51
CA ASN A 18 -3.39 0.61 7.58
C ASN A 18 -2.75 0.15 6.28
N VAL A 19 -3.10 -1.06 5.84
CA VAL A 19 -2.55 -1.61 4.60
C VAL A 19 -2.81 -0.68 3.42
N MET A 20 -3.87 0.12 3.52
CA MET A 20 -4.23 1.05 2.47
C MET A 20 -3.44 2.35 2.60
N GLU A 21 -3.24 2.80 3.84
CA GLU A 21 -2.51 4.03 4.11
C GLU A 21 -1.03 3.85 3.81
N GLU A 22 -0.54 2.61 3.93
CA GLU A 22 0.85 2.30 3.68
C GLU A 22 1.12 2.15 2.19
N GLN A 23 0.13 1.64 1.47
CA GLN A 23 0.25 1.43 0.03
C GLN A 23 -0.11 2.71 -0.73
N ASP A 24 -0.97 3.52 -0.14
CA ASP A 24 -1.40 4.77 -0.77
C ASP A 24 -0.28 5.80 -0.71
N LEU A 25 0.57 5.70 0.30
CA LEU A 25 1.67 6.64 0.47
C LEU A 25 2.81 6.31 -0.49
N ARG A 26 2.83 5.07 -0.97
CA ARG A 26 3.87 4.63 -1.89
C ARG A 26 3.35 4.62 -3.32
N ASP A 27 2.04 4.40 -3.47
CA ASP A 27 1.43 4.37 -4.79
C ASP A 27 1.78 5.61 -5.59
N ILE A 28 1.77 6.77 -4.93
CA ILE A 28 2.10 8.03 -5.58
C ILE A 28 3.48 7.97 -6.22
N GLY A 29 4.34 7.10 -5.71
CA GLY A 29 5.68 6.96 -6.24
C GLY A 29 5.76 5.91 -7.33
N ILE A 30 4.66 5.22 -7.57
CA ILE A 30 4.61 4.19 -8.60
C ILE A 30 3.94 4.69 -9.87
N SER A 31 2.97 5.59 -9.70
CA SER A 31 2.25 6.16 -10.83
C SER A 31 2.77 7.56 -11.16
N ASP A 32 3.78 7.99 -10.43
CA ASP A 32 4.38 9.31 -10.65
C ASP A 32 4.73 9.51 -12.12
N PRO A 33 4.72 10.78 -12.56
CA PRO A 33 5.03 11.13 -13.95
C PRO A 33 6.50 10.91 -14.28
N GLN A 34 7.38 11.36 -13.38
CA GLN A 34 8.81 11.22 -13.59
C GLN A 34 9.18 9.77 -13.91
N HIS A 35 8.35 8.84 -13.44
CA HIS A 35 8.59 7.42 -13.68
C HIS A 35 8.84 7.15 -15.16
N ARG A 36 7.97 7.70 -16.01
CA ARG A 36 8.10 7.53 -17.45
C ARG A 36 9.42 8.09 -17.96
N ARG A 37 9.90 9.14 -17.29
CA ARG A 37 11.16 9.78 -17.68
C ARG A 37 12.36 8.95 -17.20
N LYS A 38 12.20 8.30 -16.06
CA LYS A 38 13.26 7.48 -15.49
C LYS A 38 13.29 6.10 -16.14
N LEU A 39 12.15 5.69 -16.70
CA LEU A 39 12.05 4.40 -17.35
C LEU A 39 12.41 4.49 -18.82
N LEU A 40 12.31 5.70 -19.38
CA LEU A 40 12.64 5.93 -20.78
C LEU A 40 14.14 6.06 -20.97
N GLN A 41 14.83 6.59 -19.96
CA GLN A 41 16.27 6.77 -20.01
C GLN A 41 16.99 5.47 -19.72
N ALA A 42 16.33 4.57 -19.00
CA ALA A 42 16.91 3.28 -18.64
C ALA A 42 16.55 2.22 -19.68
N ALA A 43 15.37 2.36 -20.29
CA ALA A 43 14.93 1.41 -21.29
C ALA A 43 15.63 1.65 -22.62
N ARG A 44 16.15 2.85 -22.80
CA ARG A 44 16.84 3.21 -24.04
C ARG A 44 18.16 2.42 -24.16
N NH2 A 45 18.81 2.21 -23.03
HN1 NH2 A 45 18.45 2.55 -22.17
HN2 NH2 A 45 19.67 1.70 -23.05
#